data_5HLA
#
_entry.id   5HLA
#
_cell.length_a   62.700
_cell.length_b   63.760
_cell.length_c   297.620
_cell.angle_alpha   90.00
_cell.angle_beta   90.00
_cell.angle_gamma   90.00
#
_symmetry.space_group_name_H-M   'P 2 21 21'
#
loop_
_entity.id
_entity.type
_entity.pdbx_description
1 polymer 'Penicillin-binding protein 1B'
2 non-polymer '(2S)-2-[(1R)-1-{[(2R)-2-amino-2-phenylacetyl]amino}-2-oxoethyl]-5-methyl-3,6-dihydro-2H-1,3-thiazine-4-carboxylic acid'
3 non-polymer MOENOMYCIN
4 water water
#
_entity_poly.entity_id   1
_entity_poly.type   'polypeptide(L)'
_entity_poly.pdbx_seq_one_letter_code
;KPRGKRGWLWLLLKLAIVFAVLIAIYGVYLDQKIRSRIDGKVWQLPAAVYGRMVNLEPDMTISKNEMVKLLEATQYRQVS
KMTRPGEFTVQANSIEMIRRPFDFPDSKEGQVRARLTFDGDHLATIVNMENNRQFGFFRLDPRLITMISSPNGEQRLFVP
RSGFPDLLVDTLLATEDRHFYEHDGISLYSIGRAVLANLTAGRTVQGASTLTQQLVKNLFLSSERSYWRKANEAYMALIM
DARYSKDRILELYMNEVYLGQSGDNEIRGFPLASLYYFGRPVEELSLDQQALLVGMVKGASIYNPWRNPKLALERRNLVL
RLLQQQQIIDQELYDMLSARPLGVQPRGGVISPQPAFMQLVRQELQAKLGDKVKDLSGVKIFTTFDSVAQDAAEKAAVEG
IPALKKQRKLSDLETAIVVVDRFSGEVRAMVGGSEPQFAGYNRAMQARRSIGSLAKPATYLTALSQPKIYRLNTWIADAP
IALRQPNGQVWSPQNDDRRYSESGRVMLVDALTRSMNVPTVNLGMALGLPAVTETWIKLGVPKDQLHPVPAMLLGALNLT
PIEVAQAFQTIASGGNRAPLSALRSVIAEDGKVLYQSFPQAERAVPAQAAYLTLWTMQQVVQRGTGRQLGAKYPNLHLAG
KTGTTNNNVDTWFAGIDGSTVTITWVGRDNNQPTKLYGASGAMSIYQRYLANQTPTPLNLVPPEDIADMGVDYDGNFVCS
GGMRILPVWTSDPQSLCQQSEMQQQPS
;
_entity_poly.pdbx_strand_id   A
#
loop_
_chem_comp.id
_chem_comp.type
_chem_comp.name
_chem_comp.formula
63U non-polymer '(2S)-2-[(1R)-1-{[(2R)-2-amino-2-phenylacetyl]amino}-2-oxoethyl]-5-methyl-3,6-dihydro-2H-1,3-thiazine-4-carboxylic acid' 'C16 H19 N3 O4 S'
M0E non-polymer MOENOMYCIN 'C69 H106 N5 O34 P'
#
# COMPACT_ATOMS: atom_id res chain seq x y z
N TRP A 10 -3.52 43.86 -66.50
CA TRP A 10 -3.47 43.58 -65.07
C TRP A 10 -2.44 42.50 -64.72
N LEU A 11 -1.47 42.85 -63.86
CA LEU A 11 -0.50 41.90 -63.33
C LEU A 11 -0.67 41.86 -61.81
N LEU A 12 -1.93 42.11 -61.38
CA LEU A 12 -2.40 42.10 -60.01
C LEU A 12 -2.74 40.65 -59.71
N LEU A 13 -3.75 40.10 -60.42
CA LEU A 13 -4.18 38.71 -60.30
C LEU A 13 -3.01 37.78 -60.60
N LYS A 14 -2.35 37.94 -61.78
CA LYS A 14 -1.19 37.15 -62.22
C LYS A 14 -0.06 37.01 -61.19
N LEU A 15 0.31 38.11 -60.51
CA LEU A 15 1.35 38.12 -59.47
C LEU A 15 0.83 37.57 -58.15
N ALA A 16 -0.46 37.81 -57.83
CA ALA A 16 -1.11 37.36 -56.58
C ALA A 16 -1.85 36.01 -56.72
N ILE A 17 -1.78 35.38 -57.91
CA ILE A 17 -2.33 34.05 -58.17
C ILE A 17 -1.35 33.08 -57.52
N VAL A 18 -0.04 33.42 -57.59
CA VAL A 18 1.07 32.65 -57.00
C VAL A 18 1.10 32.77 -55.46
N PHE A 19 0.28 33.68 -54.86
CA PHE A 19 0.18 33.79 -53.42
C PHE A 19 -0.69 32.65 -52.89
N ALA A 20 -1.76 32.29 -53.64
CA ALA A 20 -2.66 31.18 -53.30
C ALA A 20 -1.88 29.86 -53.38
N VAL A 21 -0.98 29.74 -54.38
CA VAL A 21 -0.10 28.59 -54.62
C VAL A 21 0.89 28.44 -53.46
N LEU A 22 1.63 29.52 -53.11
CA LEU A 22 2.61 29.54 -52.02
C LEU A 22 2.02 29.26 -50.61
N ILE A 23 0.74 29.63 -50.36
CA ILE A 23 0.08 29.33 -49.09
C ILE A 23 -0.51 27.93 -49.08
N ALA A 24 -0.90 27.40 -50.27
CA ALA A 24 -1.44 26.05 -50.42
C ALA A 24 -0.35 25.02 -50.19
N ILE A 25 0.89 25.30 -50.68
CA ILE A 25 2.05 24.41 -50.47
C ILE A 25 2.50 24.44 -49.00
N TYR A 26 2.15 25.51 -48.27
CA TYR A 26 2.40 25.66 -46.84
C TYR A 26 1.40 24.76 -46.09
N GLY A 27 0.20 24.61 -46.65
CA GLY A 27 -0.85 23.75 -46.12
C GLY A 27 -0.55 22.28 -46.28
N VAL A 28 0.09 21.91 -47.41
CA VAL A 28 0.53 20.54 -47.71
C VAL A 28 1.70 20.18 -46.77
N TYR A 29 2.51 21.20 -46.40
CA TYR A 29 3.60 21.10 -45.42
C TYR A 29 3.01 20.83 -44.03
N LEU A 30 1.89 21.53 -43.69
CA LEU A 30 1.21 21.39 -42.39
C LEU A 30 0.52 20.03 -42.26
N ASP A 31 -0.14 19.54 -43.35
CA ASP A 31 -0.82 18.23 -43.39
C ASP A 31 0.18 17.10 -43.12
N GLN A 32 1.41 17.26 -43.64
CA GLN A 32 2.53 16.33 -43.48
C GLN A 32 3.01 16.32 -42.02
N LYS A 33 2.95 17.48 -41.34
CA LYS A 33 3.35 17.67 -39.95
C LYS A 33 2.32 17.13 -38.95
N ILE A 34 1.02 17.35 -39.22
CA ILE A 34 -0.12 16.90 -38.41
C ILE A 34 -0.16 15.36 -38.36
N ARG A 35 0.08 14.71 -39.52
CA ARG A 35 0.12 13.25 -39.68
C ARG A 35 1.30 12.61 -38.94
N SER A 36 2.48 13.27 -38.96
CA SER A 36 3.70 12.81 -38.28
C SER A 36 3.47 12.66 -36.77
N ARG A 37 2.71 13.61 -36.19
CA ARG A 37 2.37 13.64 -34.78
C ARG A 37 1.21 12.68 -34.48
N ILE A 38 0.00 12.97 -35.03
CA ILE A 38 -1.24 12.23 -34.81
C ILE A 38 -1.22 10.74 -35.19
N ASP A 39 -0.70 10.39 -36.39
CA ASP A 39 -0.60 8.98 -36.80
C ASP A 39 0.65 8.37 -36.14
N GLY A 40 0.55 8.19 -34.82
CA GLY A 40 1.61 7.66 -33.97
C GLY A 40 1.60 8.28 -32.60
N LYS A 41 2.78 8.71 -32.11
CA LYS A 41 2.97 9.30 -30.79
C LYS A 41 2.45 10.75 -30.73
N VAL A 42 1.37 10.97 -29.97
CA VAL A 42 0.77 12.29 -29.78
C VAL A 42 1.40 12.94 -28.53
N TRP A 43 1.54 12.15 -27.43
CA TRP A 43 2.14 12.60 -26.17
C TRP A 43 2.99 11.50 -25.54
N GLN A 44 3.87 11.88 -24.60
CA GLN A 44 4.67 10.95 -23.79
C GLN A 44 3.78 10.74 -22.55
N LEU A 45 2.90 9.75 -22.64
CA LEU A 45 1.95 9.42 -21.58
C LEU A 45 2.66 8.83 -20.35
N PRO A 46 2.60 9.51 -19.18
CA PRO A 46 3.29 8.99 -17.99
C PRO A 46 2.75 7.66 -17.48
N ALA A 47 3.59 6.92 -16.74
CA ALA A 47 3.28 5.62 -16.16
C ALA A 47 2.19 5.68 -15.11
N ALA A 48 1.14 4.85 -15.29
CA ALA A 48 0.01 4.76 -14.38
C ALA A 48 0.36 3.74 -13.29
N VAL A 49 0.23 4.14 -12.02
CA VAL A 49 0.56 3.31 -10.86
C VAL A 49 -0.71 2.94 -10.10
N TYR A 50 -1.09 1.66 -10.14
CA TYR A 50 -2.28 1.11 -9.51
C TYR A 50 -1.98 0.27 -8.25
N GLY A 51 -2.97 0.18 -7.36
CA GLY A 51 -2.89 -0.61 -6.13
C GLY A 51 -3.15 -2.09 -6.36
N ARG A 52 -3.42 -2.85 -5.29
CA ARG A 52 -3.68 -4.29 -5.40
C ARG A 52 -5.04 -4.60 -6.05
N MET A 53 -5.06 -5.64 -6.90
CA MET A 53 -6.27 -6.14 -7.56
C MET A 53 -6.83 -7.23 -6.67
N VAL A 54 -7.88 -6.90 -5.89
CA VAL A 54 -8.52 -7.81 -4.95
C VAL A 54 -9.55 -8.67 -5.67
N ASN A 55 -9.45 -10.00 -5.51
CA ASN A 55 -10.39 -10.95 -6.09
C ASN A 55 -11.24 -11.53 -4.99
N LEU A 56 -12.55 -11.22 -5.04
CA LEU A 56 -13.55 -11.70 -4.08
C LEU A 56 -13.90 -13.14 -4.43
N GLU A 57 -14.31 -13.93 -3.43
CA GLU A 57 -14.58 -15.36 -3.65
C GLU A 57 -15.66 -15.88 -2.70
N PRO A 58 -16.56 -16.83 -3.11
CA PRO A 58 -17.51 -17.38 -2.13
C PRO A 58 -16.76 -18.14 -1.03
N ASP A 59 -17.24 -18.01 0.22
CA ASP A 59 -16.67 -18.59 1.46
C ASP A 59 -15.38 -17.90 1.96
N MET A 60 -15.03 -16.72 1.39
CA MET A 60 -13.87 -15.90 1.77
C MET A 60 -14.14 -15.16 3.10
N THR A 61 -13.13 -15.08 3.99
CA THR A 61 -13.27 -14.41 5.29
C THR A 61 -13.16 -12.88 5.22
N ILE A 62 -14.32 -12.25 5.00
CA ILE A 62 -14.52 -10.80 4.92
C ILE A 62 -15.95 -10.48 5.40
N SER A 63 -16.10 -9.44 6.23
CA SER A 63 -17.42 -9.05 6.72
C SER A 63 -18.04 -7.96 5.85
N LYS A 64 -19.32 -7.63 6.10
CA LYS A 64 -20.09 -6.60 5.39
C LYS A 64 -19.43 -5.23 5.60
N ASN A 65 -19.10 -4.88 6.87
CA ASN A 65 -18.44 -3.63 7.26
C ASN A 65 -17.04 -3.51 6.67
N GLU A 66 -16.30 -4.65 6.61
CA GLU A 66 -14.95 -4.74 6.05
C GLU A 66 -15.01 -4.52 4.54
N MET A 67 -16.12 -4.95 3.91
CA MET A 67 -16.35 -4.78 2.47
C MET A 67 -16.67 -3.32 2.11
N VAL A 68 -17.46 -2.62 2.96
CA VAL A 68 -17.82 -1.21 2.79
C VAL A 68 -16.54 -0.37 2.83
N LYS A 69 -15.67 -0.64 3.82
CA LYS A 69 -14.37 0.00 4.01
C LYS A 69 -13.43 -0.25 2.83
N LEU A 70 -13.45 -1.48 2.27
CA LEU A 70 -12.67 -1.90 1.10
C LEU A 70 -13.20 -1.22 -0.17
N LEU A 71 -14.54 -1.08 -0.30
CA LEU A 71 -15.17 -0.43 -1.44
C LEU A 71 -14.88 1.06 -1.40
N GLU A 72 -15.13 1.71 -0.26
CA GLU A 72 -14.87 3.14 -0.06
C GLU A 72 -13.40 3.52 -0.33
N ALA A 73 -12.46 2.61 0.00
CA ALA A 73 -11.01 2.79 -0.23
C ALA A 73 -10.64 2.65 -1.71
N THR A 74 -11.51 2.01 -2.51
CA THR A 74 -11.29 1.77 -3.93
C THR A 74 -12.12 2.74 -4.80
N GLN A 75 -12.38 3.95 -4.25
CA GLN A 75 -13.13 5.05 -4.87
C GLN A 75 -14.61 4.76 -5.16
N TYR A 76 -15.23 3.83 -4.37
CA TYR A 76 -16.65 3.49 -4.51
C TYR A 76 -17.50 4.37 -3.58
N ARG A 77 -18.66 4.82 -4.06
CA ARG A 77 -19.57 5.70 -3.31
C ARG A 77 -20.81 4.99 -2.79
N GLN A 78 -21.21 5.30 -1.54
CA GLN A 78 -22.43 4.73 -0.97
C GLN A 78 -23.62 5.59 -1.38
N VAL A 79 -24.64 4.94 -1.96
CA VAL A 79 -25.87 5.58 -2.42
C VAL A 79 -27.09 4.81 -1.90
N SER A 80 -28.28 5.42 -1.99
CA SER A 80 -29.54 4.80 -1.59
C SER A 80 -30.15 4.04 -2.78
N LYS A 81 -29.90 4.55 -4.00
CA LYS A 81 -30.38 3.98 -5.27
C LYS A 81 -29.25 4.14 -6.31
N MET A 82 -28.75 3.00 -6.84
CA MET A 82 -27.65 2.98 -7.83
C MET A 82 -28.10 3.37 -9.23
N THR A 83 -27.23 4.09 -9.95
CA THR A 83 -27.44 4.56 -11.33
C THR A 83 -26.15 4.48 -12.15
N ARG A 84 -25.06 5.07 -11.63
CA ARG A 84 -23.74 5.14 -12.27
C ARG A 84 -22.80 4.03 -11.77
N PRO A 85 -21.75 3.62 -12.53
CA PRO A 85 -20.79 2.64 -11.98
C PRO A 85 -19.93 3.26 -10.88
N GLY A 86 -19.26 2.44 -10.09
CA GLY A 86 -18.45 2.92 -8.97
C GLY A 86 -19.31 3.34 -7.79
N GLU A 87 -20.53 2.79 -7.71
CA GLU A 87 -21.53 3.04 -6.67
C GLU A 87 -21.90 1.74 -5.96
N PHE A 88 -22.40 1.85 -4.71
CA PHE A 88 -22.84 0.70 -3.92
C PHE A 88 -23.95 1.05 -2.93
N THR A 89 -24.78 0.04 -2.59
CA THR A 89 -25.85 0.17 -1.60
C THR A 89 -25.61 -0.84 -0.49
N VAL A 90 -26.01 -0.49 0.75
CA VAL A 90 -25.84 -1.34 1.93
C VAL A 90 -27.18 -1.82 2.50
N GLN A 91 -27.32 -3.15 2.59
CA GLN A 91 -28.48 -3.85 3.13
C GLN A 91 -28.09 -4.47 4.47
N ALA A 92 -29.05 -5.14 5.16
CA ALA A 92 -28.84 -5.77 6.47
C ALA A 92 -27.83 -6.93 6.45
N ASN A 93 -27.84 -7.76 5.39
CA ASN A 93 -26.92 -8.88 5.27
C ASN A 93 -26.22 -8.97 3.90
N SER A 94 -26.41 -7.94 3.04
CA SER A 94 -25.80 -7.91 1.72
C SER A 94 -25.37 -6.50 1.25
N ILE A 95 -24.58 -6.46 0.15
CA ILE A 95 -24.09 -5.24 -0.50
C ILE A 95 -24.32 -5.36 -2.00
N GLU A 96 -25.01 -4.38 -2.59
CA GLU A 96 -25.25 -4.34 -4.04
C GLU A 96 -24.34 -3.27 -4.65
N MET A 97 -23.53 -3.64 -5.66
CA MET A 97 -22.58 -2.72 -6.28
C MET A 97 -22.55 -2.81 -7.82
N ILE A 98 -22.02 -1.75 -8.48
CA ILE A 98 -21.80 -1.73 -9.92
C ILE A 98 -20.28 -1.61 -10.08
N ARG A 99 -19.60 -2.75 -10.26
CA ARG A 99 -18.14 -2.80 -10.43
C ARG A 99 -17.80 -2.11 -11.73
N ARG A 100 -17.13 -0.96 -11.64
CA ARG A 100 -16.73 -0.11 -12.77
C ARG A 100 -15.89 -0.84 -13.85
N PRO A 101 -15.92 -0.38 -15.13
CA PRO A 101 -15.13 -1.07 -16.15
C PRO A 101 -13.63 -0.83 -15.96
N PHE A 102 -12.83 -1.90 -16.09
CA PHE A 102 -11.38 -1.83 -15.95
C PHE A 102 -10.68 -2.80 -16.87
N ASP A 103 -9.61 -2.31 -17.51
CA ASP A 103 -8.79 -3.09 -18.42
C ASP A 103 -7.78 -3.89 -17.59
N PHE A 104 -8.24 -5.01 -17.00
CA PHE A 104 -7.43 -5.91 -16.18
C PHE A 104 -6.39 -6.64 -17.05
N PRO A 105 -5.15 -6.89 -16.56
CA PRO A 105 -4.15 -7.61 -17.40
C PRO A 105 -4.59 -9.01 -17.80
N ASP A 106 -5.31 -9.73 -16.92
CA ASP A 106 -5.82 -11.08 -17.18
C ASP A 106 -6.81 -11.05 -18.35
N SER A 107 -7.90 -10.26 -18.21
CA SER A 107 -8.96 -10.09 -19.21
C SER A 107 -9.67 -8.75 -19.01
N LYS A 108 -9.85 -7.98 -20.10
CA LYS A 108 -10.54 -6.68 -20.09
C LYS A 108 -12.04 -6.92 -19.79
N GLU A 109 -12.58 -6.17 -18.81
CA GLU A 109 -13.96 -6.31 -18.36
C GLU A 109 -14.75 -4.99 -18.44
N GLY A 110 -16.08 -5.11 -18.40
CA GLY A 110 -17.00 -3.98 -18.44
C GLY A 110 -17.77 -3.81 -17.14
N GLN A 111 -18.97 -3.21 -17.21
CA GLN A 111 -19.81 -2.97 -16.04
C GLN A 111 -20.47 -4.27 -15.57
N VAL A 112 -20.31 -4.61 -14.28
CA VAL A 112 -20.90 -5.80 -13.66
C VAL A 112 -21.65 -5.41 -12.38
N ARG A 113 -22.99 -5.56 -12.37
CA ARG A 113 -23.78 -5.25 -11.17
C ARG A 113 -24.01 -6.51 -10.35
N ALA A 114 -23.38 -6.58 -9.15
CA ALA A 114 -23.46 -7.77 -8.31
C ALA A 114 -23.92 -7.52 -6.89
N ARG A 115 -24.52 -8.55 -6.30
CA ARG A 115 -24.94 -8.57 -4.90
C ARG A 115 -23.97 -9.48 -4.17
N LEU A 116 -23.44 -8.99 -3.04
CA LEU A 116 -22.51 -9.74 -2.21
C LEU A 116 -23.22 -10.07 -0.90
N THR A 117 -23.68 -11.33 -0.78
CA THR A 117 -24.42 -11.80 0.39
C THR A 117 -23.44 -12.29 1.46
N PHE A 118 -23.61 -11.79 2.69
CA PHE A 118 -22.75 -12.12 3.83
C PHE A 118 -23.42 -12.96 4.91
N ASP A 119 -22.60 -13.70 5.67
CA ASP A 119 -22.97 -14.53 6.80
C ASP A 119 -22.01 -14.18 7.95
N GLY A 120 -22.14 -12.94 8.44
CA GLY A 120 -21.31 -12.39 9.52
C GLY A 120 -19.86 -12.16 9.12
N ASP A 121 -18.99 -13.09 9.53
CA ASP A 121 -17.54 -13.07 9.28
C ASP A 121 -17.10 -13.43 7.86
N HIS A 122 -17.89 -14.25 7.13
CA HIS A 122 -17.53 -14.69 5.78
C HIS A 122 -18.49 -14.24 4.65
N LEU A 123 -17.96 -14.19 3.41
CA LEU A 123 -18.70 -13.81 2.19
C LEU A 123 -19.37 -15.06 1.63
N ALA A 124 -20.70 -15.14 1.70
CA ALA A 124 -21.43 -16.32 1.22
C ALA A 124 -21.45 -16.41 -0.30
N THR A 125 -22.04 -15.43 -1.00
CA THR A 125 -22.16 -15.46 -2.46
C THR A 125 -21.93 -14.10 -3.12
N ILE A 126 -21.49 -14.12 -4.39
CA ILE A 126 -21.33 -12.97 -5.26
C ILE A 126 -22.11 -13.34 -6.53
N VAL A 127 -23.35 -12.82 -6.64
CA VAL A 127 -24.29 -13.11 -7.73
C VAL A 127 -24.44 -11.93 -8.69
N ASN A 128 -24.38 -12.20 -10.02
CA ASN A 128 -24.59 -11.22 -11.09
C ASN A 128 -26.07 -10.84 -11.08
N MET A 129 -26.39 -9.56 -10.88
CA MET A 129 -27.78 -9.07 -10.82
C MET A 129 -28.53 -9.05 -12.16
N GLU A 130 -27.86 -9.45 -13.25
CA GLU A 130 -28.44 -9.52 -14.59
C GLU A 130 -29.10 -10.89 -14.82
N ASN A 131 -28.33 -11.98 -14.66
CA ASN A 131 -28.79 -13.35 -14.89
C ASN A 131 -29.10 -14.18 -13.63
N ASN A 132 -28.87 -13.59 -12.43
CA ASN A 132 -29.09 -14.25 -11.13
C ASN A 132 -28.20 -15.49 -10.94
N ARG A 133 -26.94 -15.41 -11.43
CA ARG A 133 -25.97 -16.51 -11.35
C ARG A 133 -24.76 -16.19 -10.49
N GLN A 134 -24.29 -17.18 -9.72
CA GLN A 134 -23.13 -17.09 -8.84
C GLN A 134 -21.81 -16.99 -9.64
N PHE A 135 -20.82 -16.30 -9.06
CA PHE A 135 -19.47 -16.13 -9.61
C PHE A 135 -18.49 -17.01 -8.85
N GLY A 136 -17.59 -17.66 -9.58
CA GLY A 136 -16.53 -18.51 -9.03
C GLY A 136 -15.50 -17.66 -8.30
N PHE A 137 -15.26 -16.45 -8.84
CA PHE A 137 -14.41 -15.40 -8.32
C PHE A 137 -14.86 -14.07 -8.94
N PHE A 138 -14.83 -12.98 -8.16
CA PHE A 138 -15.24 -11.67 -8.65
C PHE A 138 -14.11 -10.66 -8.45
N ARG A 139 -13.71 -10.02 -9.54
CA ARG A 139 -12.61 -9.07 -9.56
C ARG A 139 -13.01 -7.67 -9.13
N LEU A 140 -12.27 -7.09 -8.17
CA LEU A 140 -12.42 -5.72 -7.73
C LEU A 140 -11.30 -4.97 -8.46
N ASP A 141 -11.63 -3.84 -9.10
CA ASP A 141 -10.64 -3.03 -9.83
C ASP A 141 -9.65 -2.35 -8.86
N PRO A 142 -8.37 -2.12 -9.26
CA PRO A 142 -7.45 -1.44 -8.33
C PRO A 142 -7.58 0.09 -8.35
N ARG A 143 -7.24 0.75 -7.23
CA ARG A 143 -7.28 2.21 -7.13
C ARG A 143 -5.99 2.82 -7.71
N LEU A 144 -6.13 3.89 -8.48
CA LEU A 144 -4.98 4.60 -9.04
C LEU A 144 -4.32 5.41 -7.93
N ILE A 145 -3.10 5.02 -7.55
CA ILE A 145 -2.33 5.69 -6.50
C ILE A 145 -1.82 7.02 -7.01
N THR A 146 -0.93 6.97 -8.03
CA THR A 146 -0.28 8.14 -8.64
C THR A 146 0.16 7.89 -10.09
N MET A 147 0.89 8.87 -10.65
CA MET A 147 1.49 8.86 -11.98
C MET A 147 2.96 9.21 -11.81
N ILE A 148 3.87 8.45 -12.45
CA ILE A 148 5.30 8.73 -12.38
C ILE A 148 5.61 9.89 -13.34
N SER A 149 6.13 10.99 -12.80
CA SER A 149 6.46 12.25 -13.50
C SER A 149 7.16 12.08 -14.84
N SER A 150 6.54 12.62 -15.89
CA SER A 150 7.05 12.63 -17.26
C SER A 150 8.08 13.76 -17.38
N PRO A 151 9.24 13.55 -18.07
CA PRO A 151 10.25 14.63 -18.18
C PRO A 151 9.75 15.91 -18.84
N ASN A 152 8.75 15.77 -19.76
CA ASN A 152 8.07 16.85 -20.48
C ASN A 152 7.33 17.78 -19.50
N GLY A 153 6.94 17.22 -18.35
CA GLY A 153 6.24 17.95 -17.29
C GLY A 153 4.75 18.03 -17.48
N GLU A 154 4.19 17.27 -18.44
CA GLU A 154 2.76 17.27 -18.73
C GLU A 154 2.15 15.91 -18.40
N GLN A 155 1.28 15.87 -17.38
CA GLN A 155 0.61 14.66 -16.91
C GLN A 155 -0.79 14.47 -17.49
N ARG A 156 -1.04 13.27 -18.04
CA ARG A 156 -2.30 12.87 -18.69
C ARG A 156 -2.60 11.40 -18.42
N LEU A 157 -3.83 10.98 -18.76
CA LEU A 157 -4.32 9.61 -18.67
C LEU A 157 -5.23 9.43 -19.89
N PHE A 158 -4.71 8.77 -20.94
CA PHE A 158 -5.45 8.56 -22.18
C PHE A 158 -6.70 7.71 -22.00
N VAL A 159 -7.81 8.23 -22.50
CA VAL A 159 -9.13 7.59 -22.47
C VAL A 159 -9.76 7.68 -23.88
N PRO A 160 -10.28 6.55 -24.42
CA PRO A 160 -10.86 6.59 -25.78
C PRO A 160 -12.17 7.37 -25.86
N ARG A 161 -12.76 7.43 -27.08
CA ARG A 161 -14.01 8.14 -27.36
C ARG A 161 -15.19 7.72 -26.48
N SER A 162 -15.42 6.40 -26.30
CA SER A 162 -16.51 5.87 -25.47
C SER A 162 -16.39 6.22 -23.99
N GLY A 163 -15.15 6.26 -23.48
CA GLY A 163 -14.82 6.56 -22.09
C GLY A 163 -15.42 7.85 -21.54
N PHE A 164 -15.70 8.81 -22.44
CA PHE A 164 -16.32 10.09 -22.09
C PHE A 164 -17.84 9.95 -22.27
N PRO A 165 -18.67 10.29 -21.24
CA PRO A 165 -20.13 10.15 -21.40
C PRO A 165 -20.74 11.17 -22.37
N ASP A 166 -21.97 10.90 -22.82
CA ASP A 166 -22.70 11.78 -23.75
C ASP A 166 -23.05 13.13 -23.11
N LEU A 167 -23.39 13.15 -21.80
CA LEU A 167 -23.72 14.37 -21.05
C LEU A 167 -22.58 15.37 -21.06
N LEU A 168 -21.35 14.89 -20.83
CA LEU A 168 -20.10 15.67 -20.78
C LEU A 168 -19.75 16.27 -22.15
N VAL A 169 -20.01 15.52 -23.25
CA VAL A 169 -19.78 15.96 -24.63
C VAL A 169 -20.72 17.15 -24.91
N ASP A 170 -21.99 17.03 -24.50
CA ASP A 170 -23.03 18.06 -24.63
C ASP A 170 -22.75 19.26 -23.72
N THR A 171 -22.18 19.01 -22.52
CA THR A 171 -21.81 20.03 -21.53
C THR A 171 -20.68 20.90 -22.12
N LEU A 172 -19.78 20.27 -22.89
CA LEU A 172 -18.66 20.89 -23.58
C LEU A 172 -19.13 21.58 -24.88
N LEU A 173 -20.06 20.95 -25.63
CA LEU A 173 -20.58 21.49 -26.89
C LEU A 173 -21.29 22.83 -26.68
N ALA A 174 -22.11 22.92 -25.61
CA ALA A 174 -22.88 24.11 -25.26
C ALA A 174 -22.06 25.34 -24.90
N THR A 175 -20.92 25.14 -24.21
CA THR A 175 -20.05 26.25 -23.80
C THR A 175 -19.08 26.70 -24.89
N GLU A 176 -18.74 25.78 -25.83
CA GLU A 176 -17.78 26.03 -26.91
C GLU A 176 -18.35 26.03 -28.34
N ASP A 177 -18.48 24.85 -29.01
CA ASP A 177 -18.91 24.78 -30.42
C ASP A 177 -20.08 23.86 -30.79
N ARG A 178 -20.57 24.06 -32.03
CA ARG A 178 -21.59 23.28 -32.71
C ARG A 178 -20.91 22.69 -33.94
N HIS A 179 -20.33 21.49 -33.81
CA HIS A 179 -19.60 20.86 -34.91
C HIS A 179 -20.39 20.37 -36.11
N PHE A 180 -20.19 21.04 -37.24
CA PHE A 180 -20.88 20.69 -38.48
C PHE A 180 -20.29 21.44 -39.66
N TYR A 181 -19.19 22.16 -39.42
CA TYR A 181 -18.52 22.92 -40.47
C TYR A 181 -17.35 22.14 -41.07
N GLU A 182 -16.59 22.80 -41.93
CA GLU A 182 -15.45 22.16 -42.57
C GLU A 182 -15.88 21.11 -43.58
N THR A 210 -13.73 26.22 -34.11
CA THR A 210 -13.05 26.68 -32.90
C THR A 210 -12.58 25.52 -32.02
N LEU A 211 -13.33 24.38 -32.01
CA LEU A 211 -13.01 23.16 -31.26
C LEU A 211 -11.68 22.56 -31.78
N THR A 212 -11.56 22.48 -33.11
CA THR A 212 -10.37 21.99 -33.82
C THR A 212 -9.25 23.04 -33.83
N GLN A 213 -9.63 24.33 -33.65
CA GLN A 213 -8.72 25.48 -33.58
C GLN A 213 -8.09 25.52 -32.18
N GLN A 214 -8.86 25.21 -31.16
CA GLN A 214 -8.34 25.16 -29.80
C GLN A 214 -7.38 23.98 -29.66
N LEU A 215 -7.73 22.87 -30.30
CA LEU A 215 -6.90 21.67 -30.31
C LEU A 215 -5.50 22.01 -30.82
N VAL A 216 -5.40 22.56 -32.05
CA VAL A 216 -4.13 22.95 -32.69
C VAL A 216 -3.36 24.08 -31.96
N LYS A 217 -4.09 24.89 -31.16
CA LYS A 217 -3.55 25.99 -30.34
C LYS A 217 -2.73 25.40 -29.18
N ASN A 218 -3.31 24.40 -28.47
CA ASN A 218 -2.67 23.71 -27.36
C ASN A 218 -1.66 22.67 -27.86
N LEU A 219 -2.06 21.86 -28.86
CA LEU A 219 -1.26 20.76 -29.43
C LEU A 219 -0.06 21.16 -30.30
N PHE A 220 -0.09 22.33 -30.97
CA PHE A 220 1.02 22.74 -31.85
C PHE A 220 1.63 24.12 -31.62
N LEU A 221 0.80 25.16 -31.38
CA LEU A 221 1.28 26.56 -31.32
C LEU A 221 1.59 27.23 -29.97
N SER A 222 2.22 28.42 -30.06
CA SER A 222 2.66 29.32 -28.98
C SER A 222 1.57 29.62 -27.96
N LYS A 230 -3.36 33.25 -34.66
CA LYS A 230 -4.80 33.15 -34.94
C LYS A 230 -5.07 32.69 -36.38
N ALA A 231 -4.37 33.28 -37.37
CA ALA A 231 -4.54 32.94 -38.79
C ALA A 231 -3.97 31.56 -39.11
N ASN A 232 -2.86 31.17 -38.44
CA ASN A 232 -2.18 29.89 -38.60
C ASN A 232 -2.99 28.71 -38.04
N GLU A 233 -3.67 28.90 -36.89
CA GLU A 233 -4.49 27.86 -36.26
C GLU A 233 -5.76 27.54 -37.06
N ALA A 234 -6.41 28.58 -37.63
CA ALA A 234 -7.62 28.46 -38.44
C ALA A 234 -7.32 27.72 -39.73
N TYR A 235 -6.08 27.87 -40.25
CA TYR A 235 -5.61 27.20 -41.46
C TYR A 235 -5.31 25.73 -41.18
N MET A 236 -4.75 25.43 -39.98
CA MET A 236 -4.43 24.07 -39.51
C MET A 236 -5.72 23.31 -39.18
N ALA A 237 -6.73 24.03 -38.60
CA ALA A 237 -8.04 23.46 -38.24
C ALA A 237 -8.81 23.00 -39.48
N LEU A 238 -8.60 23.68 -40.62
CA LEU A 238 -9.23 23.34 -41.90
C LEU A 238 -8.74 21.98 -42.39
N ILE A 239 -7.43 21.70 -42.21
CA ILE A 239 -6.77 20.45 -42.58
C ILE A 239 -7.20 19.33 -41.61
N MET A 240 -7.06 19.58 -40.29
CA MET A 240 -7.38 18.71 -39.15
C MET A 240 -8.80 18.11 -39.25
N ASP A 241 -9.80 18.98 -39.49
CA ASP A 241 -11.22 18.65 -39.61
C ASP A 241 -11.52 17.86 -40.88
N ALA A 242 -10.83 18.19 -41.99
CA ALA A 242 -11.01 17.54 -43.30
C ALA A 242 -10.47 16.12 -43.34
N ARG A 243 -9.29 15.88 -42.73
CA ARG A 243 -8.66 14.57 -42.72
C ARG A 243 -9.16 13.66 -41.60
N TYR A 244 -9.15 14.15 -40.35
CA TYR A 244 -9.61 13.37 -39.19
C TYR A 244 -11.08 13.63 -38.89
N SER A 245 -11.84 12.54 -38.66
CA SER A 245 -13.27 12.56 -38.35
C SER A 245 -13.56 13.29 -37.03
N LYS A 246 -14.80 13.78 -36.86
CA LYS A 246 -15.28 14.51 -35.68
C LYS A 246 -14.90 13.83 -34.36
N ASP A 247 -15.23 12.51 -34.24
CA ASP A 247 -14.94 11.67 -33.06
C ASP A 247 -13.50 11.76 -32.58
N ARG A 248 -12.52 11.73 -33.50
CA ARG A 248 -11.09 11.81 -33.20
C ARG A 248 -10.71 13.19 -32.65
N ILE A 249 -11.33 14.28 -33.19
CA ILE A 249 -11.10 15.67 -32.77
C ILE A 249 -11.46 15.83 -31.30
N LEU A 250 -12.68 15.43 -30.90
CA LEU A 250 -13.07 15.51 -29.49
C LEU A 250 -12.36 14.51 -28.58
N GLU A 251 -11.81 13.39 -29.14
CA GLU A 251 -11.01 12.42 -28.38
C GLU A 251 -9.66 13.05 -28.04
N LEU A 252 -9.01 13.70 -29.02
CA LEU A 252 -7.71 14.37 -28.87
C LEU A 252 -7.81 15.60 -27.98
N TYR A 253 -8.90 16.39 -28.13
CA TYR A 253 -9.15 17.61 -27.36
C TYR A 253 -9.38 17.33 -25.88
N MET A 254 -10.21 16.30 -25.57
CA MET A 254 -10.58 15.92 -24.20
C MET A 254 -9.45 15.28 -23.38
N ASN A 255 -8.30 15.02 -24.01
CA ASN A 255 -7.10 14.46 -23.39
C ASN A 255 -5.93 15.46 -23.41
N GLU A 256 -6.11 16.62 -24.07
CA GLU A 256 -5.08 17.67 -24.20
C GLU A 256 -5.27 18.85 -23.24
N VAL A 257 -6.49 19.41 -23.18
CA VAL A 257 -6.90 20.58 -22.38
C VAL A 257 -6.35 20.69 -20.95
N TYR A 258 -5.78 21.86 -20.63
CA TYR A 258 -5.19 22.18 -19.33
C TYR A 258 -6.29 22.39 -18.28
N LEU A 259 -6.21 21.65 -17.15
CA LEU A 259 -7.20 21.74 -16.08
C LEU A 259 -6.69 21.97 -14.64
N GLY A 260 -5.37 21.85 -14.42
CA GLY A 260 -4.77 22.06 -13.11
C GLY A 260 -3.25 21.99 -13.05
N GLN A 261 -2.68 22.23 -11.86
CA GLN A 261 -1.24 22.21 -11.62
C GLN A 261 -0.87 21.61 -10.26
N SER A 262 0.21 20.80 -10.24
CA SER A 262 0.78 20.18 -9.04
C SER A 262 2.31 20.32 -9.11
N GLY A 263 2.84 21.29 -8.37
CA GLY A 263 4.27 21.60 -8.33
C GLY A 263 4.76 22.11 -9.68
N ASP A 264 5.49 21.25 -10.40
CA ASP A 264 6.01 21.55 -11.75
C ASP A 264 5.50 20.54 -12.80
N ASN A 265 4.24 20.07 -12.61
CA ASN A 265 3.58 19.12 -13.50
C ASN A 265 2.18 19.58 -13.91
N GLU A 266 1.94 19.65 -15.23
CA GLU A 266 0.67 20.10 -15.81
C GLU A 266 -0.38 18.98 -15.75
N ILE A 267 -1.49 19.22 -15.03
CA ILE A 267 -2.60 18.28 -14.92
C ILE A 267 -3.51 18.57 -16.12
N ARG A 268 -3.35 17.77 -17.20
CA ARG A 268 -4.06 17.97 -18.47
C ARG A 268 -5.05 16.85 -18.79
N GLY A 269 -6.10 17.20 -19.53
CA GLY A 269 -7.16 16.30 -19.98
C GLY A 269 -8.20 16.00 -18.92
N PHE A 270 -9.47 15.83 -19.34
CA PHE A 270 -10.60 15.51 -18.46
C PHE A 270 -10.45 14.21 -17.62
N PRO A 271 -9.86 13.07 -18.11
CA PRO A 271 -9.76 11.87 -17.27
C PRO A 271 -8.89 11.98 -16.02
N LEU A 272 -7.69 12.59 -16.12
CA LEU A 272 -6.80 12.74 -14.98
C LEU A 272 -7.29 13.85 -14.04
N ALA A 273 -7.95 14.89 -14.60
CA ALA A 273 -8.50 16.01 -13.83
C ALA A 273 -9.65 15.55 -12.92
N SER A 274 -10.46 14.57 -13.38
CA SER A 274 -11.59 13.99 -12.64
C SER A 274 -11.15 13.38 -11.30
N LEU A 275 -10.07 12.58 -11.32
CA LEU A 275 -9.49 11.94 -10.13
C LEU A 275 -8.77 12.95 -9.26
N TYR A 276 -8.10 13.94 -9.89
CA TYR A 276 -7.34 15.00 -9.22
C TYR A 276 -8.22 15.95 -8.43
N TYR A 277 -9.38 16.34 -8.98
CA TYR A 277 -10.31 17.26 -8.34
C TYR A 277 -11.36 16.63 -7.45
N PHE A 278 -11.79 15.39 -7.77
CA PHE A 278 -12.84 14.72 -6.99
C PHE A 278 -12.39 13.38 -6.43
N GLY A 279 -12.02 12.44 -7.31
CA GLY A 279 -11.56 11.11 -6.92
C GLY A 279 -12.29 9.96 -7.58
N ARG A 280 -12.82 10.18 -8.78
CA ARG A 280 -13.55 9.16 -9.56
C ARG A 280 -13.27 9.31 -11.07
N PRO A 281 -13.35 8.24 -11.91
CA PRO A 281 -13.09 8.43 -13.36
C PRO A 281 -14.14 9.31 -14.03
N VAL A 282 -13.75 9.96 -15.16
CA VAL A 282 -14.57 10.89 -15.95
C VAL A 282 -15.99 10.40 -16.30
N GLU A 283 -16.14 9.08 -16.44
CA GLU A 283 -17.38 8.36 -16.71
C GLU A 283 -18.35 8.44 -15.52
N GLU A 284 -17.81 8.48 -14.28
CA GLU A 284 -18.54 8.50 -13.01
C GLU A 284 -18.93 9.88 -12.45
N LEU A 285 -18.58 10.98 -13.16
CA LEU A 285 -18.87 12.35 -12.72
C LEU A 285 -20.37 12.68 -12.73
N SER A 286 -20.78 13.55 -11.79
CA SER A 286 -22.14 14.10 -11.74
C SER A 286 -22.10 15.35 -12.63
N LEU A 287 -23.27 15.84 -13.09
CA LEU A 287 -23.33 17.02 -13.97
C LEU A 287 -22.73 18.31 -13.39
N ASP A 288 -22.81 18.51 -12.04
CA ASP A 288 -22.23 19.67 -11.38
C ASP A 288 -20.70 19.64 -11.45
N GLN A 289 -20.12 18.43 -11.35
CA GLN A 289 -18.67 18.20 -11.43
C GLN A 289 -18.18 18.36 -12.87
N GLN A 290 -19.02 17.93 -13.85
CA GLN A 290 -18.75 18.06 -15.29
C GLN A 290 -18.68 19.54 -15.65
N ALA A 291 -19.64 20.34 -15.15
CA ALA A 291 -19.77 21.78 -15.36
C ALA A 291 -18.55 22.57 -14.83
N LEU A 292 -17.98 22.13 -13.68
CA LEU A 292 -16.80 22.75 -13.09
C LEU A 292 -15.56 22.45 -13.92
N LEU A 293 -15.42 21.19 -14.37
CA LEU A 293 -14.34 20.71 -15.23
C LEU A 293 -14.39 21.40 -16.59
N VAL A 294 -15.62 21.56 -17.12
CA VAL A 294 -15.90 22.22 -18.40
C VAL A 294 -15.65 23.74 -18.30
N GLY A 295 -15.97 24.33 -17.14
CA GLY A 295 -15.78 25.75 -16.87
C GLY A 295 -14.33 26.18 -16.74
N MET A 296 -13.47 25.28 -16.24
CA MET A 296 -12.04 25.52 -16.03
C MET A 296 -11.21 25.54 -17.32
N VAL A 297 -11.77 25.06 -18.45
CA VAL A 297 -11.10 24.98 -19.75
C VAL A 297 -10.49 26.31 -20.26
N LYS A 298 -11.25 27.42 -20.16
CA LYS A 298 -10.85 28.76 -20.60
C LYS A 298 -9.93 29.52 -19.63
N GLY A 299 -9.68 28.93 -18.45
CA GLY A 299 -8.82 29.52 -17.44
C GLY A 299 -8.78 28.72 -16.15
N ALA A 300 -7.99 27.63 -16.15
CA ALA A 300 -7.84 26.71 -15.02
C ALA A 300 -7.25 27.35 -13.75
N SER A 301 -6.29 28.28 -13.89
CA SER A 301 -5.64 28.94 -12.76
C SER A 301 -6.56 29.82 -11.91
N ILE A 302 -7.45 30.61 -12.55
CA ILE A 302 -8.38 31.47 -11.79
C ILE A 302 -9.65 30.73 -11.32
N TYR A 303 -9.95 29.56 -11.93
CA TYR A 303 -11.12 28.76 -11.54
C TYR A 303 -10.70 27.54 -10.70
N ASN A 304 -9.51 27.64 -10.07
CA ASN A 304 -8.90 26.64 -9.19
C ASN A 304 -9.65 26.71 -7.83
N PRO A 305 -10.38 25.65 -7.42
CA PRO A 305 -11.13 25.72 -6.14
C PRO A 305 -10.26 25.65 -4.88
N TRP A 306 -8.98 25.28 -5.04
CA TRP A 306 -8.01 25.18 -3.94
C TRP A 306 -7.63 26.58 -3.43
N ARG A 307 -7.37 27.53 -4.37
CA ARG A 307 -7.00 28.91 -4.07
C ARG A 307 -8.22 29.78 -3.80
N ASN A 308 -9.05 30.02 -4.84
CA ASN A 308 -10.25 30.85 -4.77
C ASN A 308 -11.53 30.04 -5.01
N PRO A 309 -12.28 29.66 -3.95
CA PRO A 309 -13.51 28.87 -4.14
C PRO A 309 -14.69 29.70 -4.67
N LYS A 310 -14.81 30.98 -4.25
CA LYS A 310 -15.87 31.92 -4.62
C LYS A 310 -16.00 32.11 -6.14
N LEU A 311 -14.88 32.39 -6.84
CA LEU A 311 -14.84 32.58 -8.30
C LEU A 311 -15.07 31.27 -9.05
N ALA A 312 -14.62 30.14 -8.48
CA ALA A 312 -14.75 28.79 -9.03
C ALA A 312 -16.20 28.29 -8.97
N LEU A 313 -16.90 28.59 -7.85
CA LEU A 313 -18.31 28.23 -7.62
C LEU A 313 -19.21 29.09 -8.52
N GLU A 314 -18.84 30.37 -8.70
CA GLU A 314 -19.54 31.35 -9.52
C GLU A 314 -19.51 30.96 -11.01
N ARG A 315 -18.34 30.46 -11.48
CA ARG A 315 -18.14 30.00 -12.86
C ARG A 315 -18.85 28.67 -13.12
N ARG A 316 -18.98 27.83 -12.07
CA ARG A 316 -19.65 26.53 -12.14
C ARG A 316 -21.15 26.75 -12.39
N ASN A 317 -21.75 27.73 -11.69
CA ASN A 317 -23.16 28.12 -11.83
C ASN A 317 -23.40 28.77 -13.19
N LEU A 318 -22.34 29.40 -13.77
CA LEU A 318 -22.37 30.04 -15.08
C LEU A 318 -22.57 28.99 -16.16
N VAL A 319 -21.90 27.81 -16.02
CA VAL A 319 -22.02 26.68 -16.95
C VAL A 319 -23.42 26.07 -16.81
N LEU A 320 -23.90 25.95 -15.56
CA LEU A 320 -25.23 25.42 -15.24
C LEU A 320 -26.34 26.33 -15.79
N ARG A 321 -26.12 27.67 -15.78
CA ARG A 321 -27.09 28.62 -16.32
C ARG A 321 -27.06 28.75 -17.85
N LEU A 322 -25.98 28.21 -18.50
CA LEU A 322 -25.83 28.20 -19.96
C LEU A 322 -26.57 26.99 -20.54
N LEU A 323 -26.44 25.80 -19.87
CA LEU A 323 -27.08 24.54 -20.28
C LEU A 323 -28.61 24.57 -20.18
N GLN A 324 -29.17 25.19 -19.11
CA GLN A 324 -30.62 25.30 -18.87
C GLN A 324 -31.38 26.07 -19.96
N GLN A 325 -30.71 27.05 -20.60
CA GLN A 325 -31.27 27.88 -21.69
C GLN A 325 -31.59 27.01 -22.90
N GLN A 326 -30.82 25.92 -23.09
CA GLN A 326 -30.97 24.96 -24.19
C GLN A 326 -31.95 23.85 -23.82
N GLN A 327 -32.48 23.15 -24.84
CA GLN A 327 -33.47 22.07 -24.77
C GLN A 327 -33.18 20.91 -23.79
N ILE A 328 -31.94 20.79 -23.27
CA ILE A 328 -31.55 19.71 -22.36
C ILE A 328 -32.10 19.74 -20.93
N ILE A 329 -31.96 20.88 -20.22
CA ILE A 329 -32.35 21.03 -18.81
C ILE A 329 -33.42 22.13 -18.57
N ASP A 330 -34.19 21.97 -17.47
CA ASP A 330 -35.22 22.89 -17.01
C ASP A 330 -34.93 23.29 -15.55
N GLN A 331 -35.42 24.48 -15.11
CA GLN A 331 -35.18 25.01 -13.75
C GLN A 331 -35.69 24.14 -12.58
N GLU A 332 -36.21 22.94 -12.91
CA GLU A 332 -36.74 21.94 -11.98
C GLU A 332 -35.64 21.27 -11.11
N LEU A 333 -34.35 21.44 -11.49
CA LEU A 333 -33.19 20.89 -10.79
C LEU A 333 -31.90 21.76 -10.85
N TYR A 334 -31.96 22.93 -11.51
CA TYR A 334 -30.85 23.90 -11.63
C TYR A 334 -30.44 24.35 -10.23
N ASP A 335 -31.43 24.60 -9.37
CA ASP A 335 -31.29 25.03 -7.98
C ASP A 335 -30.88 23.86 -7.05
N MET A 336 -30.81 22.63 -7.57
CA MET A 336 -30.38 21.43 -6.84
C MET A 336 -28.89 21.17 -7.15
N LEU A 337 -28.49 21.36 -8.43
CA LEU A 337 -27.12 21.22 -8.92
C LEU A 337 -26.28 22.39 -8.41
N SER A 338 -26.83 23.63 -8.49
CA SER A 338 -26.19 24.86 -8.02
C SER A 338 -26.12 24.89 -6.48
N ALA A 339 -26.85 23.99 -5.80
CA ALA A 339 -26.88 23.88 -4.34
C ALA A 339 -25.81 22.93 -3.78
N ARG A 340 -25.16 22.09 -4.62
CA ARG A 340 -24.09 21.18 -4.16
C ARG A 340 -22.77 21.96 -4.24
N PRO A 341 -22.17 22.40 -3.10
CA PRO A 341 -20.94 23.20 -3.20
C PRO A 341 -19.66 22.41 -3.49
N LEU A 342 -19.49 22.02 -4.79
CA LEU A 342 -18.37 21.26 -5.41
C LEU A 342 -18.80 19.89 -5.92
N GLN A 345 -14.45 17.35 -3.34
CA GLN A 345 -13.11 17.92 -3.23
C GLN A 345 -12.37 17.37 -1.99
N PRO A 346 -11.18 16.74 -2.16
CA PRO A 346 -10.46 16.21 -0.99
C PRO A 346 -9.63 17.24 -0.23
N ARG A 347 -9.63 18.52 -0.70
CA ARG A 347 -8.93 19.67 -0.10
C ARG A 347 -7.42 19.56 0.13
N GLY A 348 -6.80 18.47 -0.36
CA GLY A 348 -5.37 18.23 -0.24
C GLY A 348 -4.72 18.69 -1.53
N GLY A 349 -3.40 18.84 -1.50
CA GLY A 349 -2.61 19.28 -2.65
C GLY A 349 -2.48 18.26 -3.77
N VAL A 350 -2.60 16.96 -3.44
CA VAL A 350 -2.49 15.78 -4.34
C VAL A 350 -1.19 15.79 -5.20
N ILE A 351 -0.11 16.36 -4.63
CA ILE A 351 1.21 16.53 -5.22
C ILE A 351 2.01 15.23 -5.33
N SER A 352 2.37 14.62 -4.18
CA SER A 352 3.14 13.38 -4.13
C SER A 352 2.37 12.31 -3.34
N PRO A 353 1.46 11.56 -4.01
CA PRO A 353 0.68 10.54 -3.29
C PRO A 353 1.53 9.32 -2.93
N GLN A 354 1.52 8.95 -1.64
CA GLN A 354 2.28 7.84 -1.03
C GLN A 354 3.79 7.95 -1.29
N PRO A 355 4.50 8.94 -0.73
CA PRO A 355 5.95 9.07 -1.01
C PRO A 355 6.80 7.93 -0.45
N ALA A 356 6.42 7.40 0.72
CA ALA A 356 7.12 6.29 1.39
C ALA A 356 7.09 5.02 0.55
N PHE A 357 5.88 4.61 0.10
CA PHE A 357 5.68 3.42 -0.72
C PHE A 357 6.23 3.58 -2.15
N MET A 358 6.12 4.79 -2.73
CA MET A 358 6.62 5.07 -4.08
C MET A 358 8.15 4.99 -4.23
N GLN A 359 8.90 5.17 -3.11
CA GLN A 359 10.36 5.06 -3.11
C GLN A 359 10.76 3.63 -3.49
N LEU A 360 10.10 2.63 -2.87
CA LEU A 360 10.31 1.19 -3.10
C LEU A 360 9.89 0.78 -4.52
N VAL A 361 8.74 1.30 -5.01
CA VAL A 361 8.19 1.04 -6.35
C VAL A 361 9.25 1.45 -7.40
N ARG A 362 9.80 2.67 -7.25
CA ARG A 362 10.82 3.25 -8.13
C ARG A 362 12.12 2.44 -8.07
N GLN A 363 12.56 2.09 -6.84
CA GLN A 363 13.77 1.32 -6.57
C GLN A 363 13.68 -0.07 -7.21
N GLU A 364 12.51 -0.72 -7.12
CA GLU A 364 12.29 -2.06 -7.69
C GLU A 364 12.11 -2.03 -9.21
N LEU A 365 11.60 -0.91 -9.78
CA LEU A 365 11.43 -0.72 -11.22
C LEU A 365 12.79 -0.64 -11.90
N GLN A 366 13.77 -0.08 -11.16
CA GLN A 366 15.16 0.07 -11.57
C GLN A 366 15.86 -1.30 -11.49
N ALA A 367 15.57 -2.08 -10.42
CA ALA A 367 16.15 -3.41 -10.20
C ALA A 367 15.68 -4.48 -11.18
N LYS A 368 14.42 -4.36 -11.65
CA LYS A 368 13.82 -5.35 -12.56
C LYS A 368 13.84 -4.97 -14.05
N LEU A 369 13.68 -3.67 -14.39
CA LEU A 369 13.64 -3.24 -15.79
C LEU A 369 14.78 -2.33 -16.26
N GLY A 370 15.63 -1.90 -15.34
CA GLY A 370 16.78 -1.05 -15.65
C GLY A 370 16.43 0.37 -16.02
N ASP A 371 17.07 0.90 -17.08
CA ASP A 371 16.84 2.28 -17.54
C ASP A 371 15.65 2.52 -18.48
N LYS A 372 15.06 1.51 -19.07
CA LYS A 372 13.81 1.74 -19.79
C LYS A 372 13.13 0.42 -20.07
N VAL A 373 11.87 0.24 -19.68
CA VAL A 373 10.96 1.21 -19.02
C VAL A 373 10.89 2.66 -19.64
N LYS A 374 10.98 3.76 -18.82
CA LYS A 374 10.82 5.20 -19.13
C LYS A 374 10.74 5.74 -20.59
N ASP A 375 11.40 5.10 -21.58
CA ASP A 375 11.29 5.51 -23.00
C ASP A 375 9.86 5.22 -23.50
N LEU A 376 9.28 4.10 -23.03
CA LEU A 376 7.95 3.59 -23.37
C LEU A 376 6.85 4.53 -22.85
N SER A 377 5.77 4.66 -23.62
CA SER A 377 4.61 5.51 -23.31
C SER A 377 3.36 4.68 -23.03
N GLY A 378 2.53 5.15 -22.09
CA GLY A 378 1.28 4.51 -21.69
C GLY A 378 1.47 3.25 -20.86
N VAL A 379 2.47 3.25 -19.97
CA VAL A 379 2.83 2.13 -19.11
C VAL A 379 1.88 2.01 -17.90
N LYS A 380 1.43 0.78 -17.61
CA LYS A 380 0.55 0.47 -16.49
C LYS A 380 1.33 -0.36 -15.46
N ILE A 381 1.53 0.20 -14.26
CA ILE A 381 2.26 -0.43 -13.16
C ILE A 381 1.27 -0.89 -12.10
N PHE A 382 1.25 -2.20 -11.85
CA PHE A 382 0.37 -2.82 -10.87
C PHE A 382 1.15 -3.20 -9.62
N THR A 383 0.93 -2.47 -8.51
CA THR A 383 1.63 -2.66 -7.24
C THR A 383 0.89 -3.56 -6.24
N THR A 384 1.59 -3.90 -5.14
CA THR A 384 1.08 -4.74 -4.05
C THR A 384 0.35 -3.92 -2.96
N PHE A 385 0.33 -2.58 -3.15
CA PHE A 385 -0.27 -1.55 -2.29
C PHE A 385 -1.70 -1.85 -1.84
N ASP A 386 -1.92 -1.76 -0.51
CA ASP A 386 -3.21 -1.98 0.13
C ASP A 386 -3.76 -0.68 0.71
N SER A 387 -4.81 -0.14 0.08
CA SER A 387 -5.47 1.12 0.47
C SER A 387 -6.10 1.06 1.87
N VAL A 388 -6.54 -0.12 2.29
CA VAL A 388 -7.16 -0.35 3.60
C VAL A 388 -6.09 -0.33 4.70
N ALA A 389 -5.00 -1.10 4.52
CA ALA A 389 -3.86 -1.20 5.44
C ALA A 389 -3.15 0.15 5.59
N GLN A 390 -3.02 0.92 4.49
CA GLN A 390 -2.35 2.22 4.47
C GLN A 390 -3.09 3.29 5.27
N ASP A 391 -4.38 3.52 4.97
CA ASP A 391 -5.23 4.51 5.65
C ASP A 391 -5.21 4.27 7.16
N ALA A 392 -5.24 2.99 7.57
CA ALA A 392 -5.21 2.53 8.96
C ALA A 392 -3.84 2.77 9.59
N ALA A 393 -2.73 2.58 8.83
CA ALA A 393 -1.37 2.80 9.30
C ALA A 393 -1.07 4.30 9.39
N GLU A 394 -1.59 5.08 8.42
CA GLU A 394 -1.44 6.54 8.38
C GLU A 394 -2.20 7.17 9.54
N LYS A 395 -3.44 6.71 9.79
CA LYS A 395 -4.30 7.17 10.90
C LYS A 395 -3.66 6.85 12.25
N ALA A 396 -3.00 5.67 12.36
CA ALA A 396 -2.29 5.25 13.58
C ALA A 396 -1.05 6.12 13.84
N ALA A 397 -0.42 6.64 12.77
CA ALA A 397 0.74 7.53 12.84
C ALA A 397 0.31 8.96 13.17
N VAL A 398 -0.67 9.50 12.41
CA VAL A 398 -1.23 10.86 12.53
C VAL A 398 -1.86 11.11 13.91
N GLU A 399 -2.58 10.12 14.46
CA GLU A 399 -3.26 10.26 15.75
C GLU A 399 -2.40 9.85 16.94
N GLY A 400 -1.73 8.70 16.83
CA GLY A 400 -0.90 8.12 17.88
C GLY A 400 0.28 8.93 18.37
N ILE A 401 1.07 9.51 17.43
CA ILE A 401 2.26 10.29 17.78
C ILE A 401 1.96 11.59 18.58
N PRO A 402 1.10 12.54 18.12
CA PRO A 402 0.81 13.72 18.96
C PRO A 402 0.17 13.35 20.31
N ALA A 403 -0.49 12.18 20.37
CA ALA A 403 -1.09 11.64 21.59
C ALA A 403 -0.01 11.14 22.54
N LEU A 404 1.10 10.58 22.01
CA LEU A 404 2.25 10.10 22.79
C LEU A 404 3.20 11.25 23.16
N LYS A 405 3.19 12.33 22.34
CA LYS A 405 4.01 13.53 22.57
C LYS A 405 3.49 14.31 23.78
N LYS A 406 2.16 14.49 23.89
CA LYS A 406 1.51 15.19 25.00
C LYS A 406 1.54 14.36 26.27
N GLN A 407 1.20 13.06 26.16
CA GLN A 407 1.15 12.06 27.23
C GLN A 407 2.48 11.92 27.99
N ARG A 408 3.61 11.94 27.24
CA ARG A 408 4.95 11.81 27.79
C ARG A 408 5.70 13.13 27.92
N LYS A 409 5.08 14.23 27.40
CA LYS A 409 5.61 15.60 27.41
C LYS A 409 6.94 15.73 26.64
N LEU A 410 6.89 15.33 25.35
CA LEU A 410 8.01 15.38 24.39
C LEU A 410 7.79 16.47 23.34
N SER A 411 8.75 16.67 22.42
CA SER A 411 8.66 17.71 21.39
C SER A 411 8.93 17.25 19.95
N ASP A 412 9.55 16.07 19.76
CA ASP A 412 9.90 15.58 18.42
C ASP A 412 9.86 14.05 18.22
N LEU A 413 8.80 13.39 18.71
CA LEU A 413 8.64 11.94 18.53
C LEU A 413 8.26 11.61 17.08
N GLU A 414 8.84 10.53 16.55
CA GLU A 414 8.61 10.05 15.18
C GLU A 414 8.27 8.55 15.11
N THR A 415 7.84 8.08 13.91
CA THR A 415 7.43 6.68 13.70
C THR A 415 7.72 6.12 12.30
N ALA A 416 7.59 4.80 12.14
CA ALA A 416 7.73 4.08 10.87
C ALA A 416 6.96 2.75 10.93
N ILE A 417 6.11 2.50 9.91
CA ILE A 417 5.27 1.30 9.84
C ILE A 417 5.40 0.61 8.48
N VAL A 418 5.66 -0.71 8.51
CA VAL A 418 5.79 -1.56 7.32
C VAL A 418 4.83 -2.74 7.50
N VAL A 419 3.91 -2.92 6.54
CA VAL A 419 2.94 -4.02 6.54
C VAL A 419 3.24 -4.89 5.33
N VAL A 420 3.52 -6.18 5.58
CA VAL A 420 3.84 -7.15 4.52
C VAL A 420 2.95 -8.37 4.61
N ASP A 421 2.77 -9.08 3.49
CA ASP A 421 1.99 -10.31 3.45
C ASP A 421 2.81 -11.42 4.12
N ARG A 422 2.21 -12.11 5.11
CA ARG A 422 2.80 -13.21 5.90
C ARG A 422 3.54 -14.23 5.02
N PHE A 423 2.88 -14.75 3.96
CA PHE A 423 3.41 -15.79 3.08
C PHE A 423 4.16 -15.33 1.84
N SER A 424 3.53 -14.48 1.02
CA SER A 424 4.10 -13.99 -0.24
C SER A 424 5.21 -12.96 -0.08
N GLY A 425 5.18 -12.20 1.02
CA GLY A 425 6.14 -11.14 1.31
C GLY A 425 5.81 -9.82 0.65
N GLU A 426 4.62 -9.71 0.04
CA GLU A 426 4.16 -8.51 -0.66
C GLU A 426 3.96 -7.34 0.28
N VAL A 427 4.60 -6.20 -0.02
CA VAL A 427 4.51 -4.99 0.81
C VAL A 427 3.16 -4.35 0.60
N ARG A 428 2.33 -4.38 1.65
CA ARG A 428 0.96 -3.87 1.63
C ARG A 428 0.86 -2.41 2.06
N ALA A 429 1.72 -1.95 2.99
CA ALA A 429 1.67 -0.57 3.48
C ALA A 429 3.01 -0.06 3.98
N MET A 430 3.29 1.23 3.72
CA MET A 430 4.53 1.89 4.15
C MET A 430 4.29 3.30 4.70
N VAL A 431 4.72 3.54 5.97
CA VAL A 431 4.59 4.82 6.68
C VAL A 431 6.00 5.33 7.04
N GLY A 432 6.37 6.48 6.48
CA GLY A 432 7.68 7.08 6.66
C GLY A 432 7.82 8.07 7.80
N GLY A 433 6.72 8.38 8.48
CA GLY A 433 6.75 9.32 9.60
C GLY A 433 5.41 9.72 10.14
N SER A 434 5.43 10.52 11.22
CA SER A 434 4.25 11.05 11.91
C SER A 434 3.38 11.94 11.03
N GLU A 435 3.95 12.45 9.92
CA GLU A 435 3.31 13.28 8.90
C GLU A 435 3.46 12.52 7.57
N PRO A 436 2.64 11.46 7.32
CA PRO A 436 2.83 10.67 6.08
C PRO A 436 2.33 11.30 4.78
N GLN A 437 1.49 12.35 4.86
CA GLN A 437 0.94 13.04 3.69
C GLN A 437 2.02 13.82 2.93
N PHE A 438 2.75 14.68 3.67
CA PHE A 438 3.84 15.51 3.14
C PHE A 438 5.13 14.99 3.76
N ALA A 439 5.91 14.23 2.96
CA ALA A 439 7.13 13.60 3.43
C ALA A 439 8.33 13.78 2.50
N GLY A 440 9.50 13.92 3.12
CA GLY A 440 10.79 14.05 2.45
C GLY A 440 11.74 12.98 2.91
N TYR A 441 11.54 12.50 4.15
CA TYR A 441 12.34 11.45 4.77
C TYR A 441 11.45 10.26 5.11
N ASN A 442 11.76 9.11 4.48
CA ASN A 442 11.03 7.86 4.66
C ASN A 442 11.80 7.00 5.68
N ARG A 443 11.31 6.97 6.94
CA ARG A 443 11.92 6.25 8.05
C ARG A 443 11.78 4.71 7.99
N ALA A 444 11.04 4.19 7.01
CA ALA A 444 10.83 2.75 6.80
C ALA A 444 11.93 2.10 5.97
N MET A 445 12.57 2.89 5.10
CA MET A 445 13.63 2.42 4.21
C MET A 445 14.98 3.07 4.47
N GLN A 446 14.98 4.27 5.10
CA GLN A 446 16.19 5.04 5.34
C GLN A 446 16.68 5.11 6.79
N ALA A 447 15.78 4.95 7.79
CA ALA A 447 16.17 5.02 9.20
C ALA A 447 16.70 3.70 9.77
N ARG A 448 18.04 3.56 9.77
CA ARG A 448 18.74 2.38 10.30
C ARG A 448 18.88 2.56 11.80
N ARG A 449 18.24 1.67 12.58
CA ARG A 449 18.27 1.75 14.05
C ARG A 449 18.53 0.41 14.71
N SER A 450 19.07 0.43 15.95
CA SER A 450 19.34 -0.76 16.75
C SER A 450 18.01 -1.45 17.02
N ILE A 451 17.89 -2.73 16.64
CA ILE A 451 16.65 -3.50 16.74
C ILE A 451 16.23 -3.94 18.16
N GLY A 452 17.19 -3.96 19.08
CA GLY A 452 16.95 -4.33 20.47
C GLY A 452 16.59 -5.79 20.66
N SER A 453 15.47 -6.05 21.35
CA SER A 453 14.97 -7.38 21.67
C SER A 453 14.29 -8.14 20.52
N LEU A 454 14.21 -7.50 19.35
CA LEU A 454 13.68 -8.07 18.11
C LEU A 454 14.70 -9.10 17.56
N ALA A 455 15.93 -9.07 18.11
CA ALA A 455 17.04 -9.97 17.79
C ALA A 455 16.94 -11.26 18.61
N LYS A 456 16.05 -11.29 19.63
CA LYS A 456 15.86 -12.46 20.47
C LYS A 456 15.26 -13.66 19.70
N PRO A 457 14.14 -13.56 18.94
CA PRO A 457 13.64 -14.76 18.23
C PRO A 457 14.67 -15.57 17.42
N ALA A 458 15.63 -14.89 16.76
CA ALA A 458 16.72 -15.54 15.97
C ALA A 458 17.50 -16.60 16.76
N THR A 459 17.88 -16.29 18.02
CA THR A 459 18.62 -17.18 18.93
C THR A 459 17.79 -18.40 19.29
N TYR A 460 16.50 -18.19 19.62
CA TYR A 460 15.56 -19.23 20.01
C TYR A 460 15.20 -20.10 18.80
N LEU A 461 15.15 -19.50 17.59
CA LEU A 461 14.91 -20.19 16.32
C LEU A 461 16.13 -21.06 15.95
N THR A 462 17.34 -20.62 16.34
CA THR A 462 18.61 -21.35 16.14
C THR A 462 18.66 -22.52 17.15
N ALA A 463 18.13 -22.30 18.36
CA ALA A 463 18.09 -23.33 19.39
C ALA A 463 16.99 -24.35 19.08
N LEU A 464 15.77 -23.87 18.75
CA LEU A 464 14.62 -24.71 18.41
C LEU A 464 14.71 -25.42 17.05
N SER A 465 15.83 -25.18 16.31
CA SER A 465 16.16 -25.83 15.04
C SER A 465 16.78 -27.18 15.32
N GLN A 466 17.24 -27.40 16.56
CA GLN A 466 17.86 -28.65 17.00
C GLN A 466 16.88 -29.34 17.98
N PRO A 467 15.89 -30.14 17.48
CA PRO A 467 14.90 -30.74 18.40
C PRO A 467 15.45 -31.80 19.36
N LYS A 468 16.62 -32.36 19.02
CA LYS A 468 17.29 -33.39 19.84
C LYS A 468 17.94 -32.78 21.07
N ILE A 469 18.17 -31.45 21.05
CA ILE A 469 18.81 -30.74 22.15
C ILE A 469 17.92 -29.69 22.80
N TYR A 470 17.52 -28.65 22.03
CA TYR A 470 16.72 -27.56 22.58
C TYR A 470 15.26 -27.68 22.23
N ARG A 471 14.43 -27.63 23.28
CA ARG A 471 12.98 -27.69 23.23
C ARG A 471 12.46 -26.50 24.02
N LEU A 472 11.14 -26.38 24.13
CA LEU A 472 10.53 -25.29 24.89
C LEU A 472 10.72 -25.45 26.40
N ASN A 473 10.87 -26.69 26.89
CA ASN A 473 11.09 -27.01 28.30
C ASN A 473 12.59 -27.12 28.69
N THR A 474 13.50 -26.67 27.80
CA THR A 474 14.94 -26.68 28.05
C THR A 474 15.30 -25.61 29.08
N TRP A 475 15.91 -26.04 30.20
CA TRP A 475 16.33 -25.16 31.28
C TRP A 475 17.56 -24.37 30.88
N ILE A 476 17.43 -23.04 30.91
CA ILE A 476 18.48 -22.08 30.60
C ILE A 476 18.92 -21.41 31.90
N ALA A 477 20.24 -21.32 32.13
CA ALA A 477 20.83 -20.70 33.32
C ALA A 477 20.56 -19.20 33.37
N ASP A 478 20.13 -18.72 34.53
CA ASP A 478 19.84 -17.32 34.79
C ASP A 478 20.59 -16.95 36.07
N ALA A 479 21.90 -16.73 35.91
CA ALA A 479 22.88 -16.40 36.93
C ALA A 479 23.85 -15.34 36.38
N PRO A 480 24.60 -14.59 37.24
CA PRO A 480 25.50 -13.53 36.71
C PRO A 480 26.49 -13.94 35.61
N ILE A 481 26.67 -13.03 34.64
CA ILE A 481 27.56 -13.20 33.48
C ILE A 481 28.71 -12.18 33.55
N ALA A 482 29.89 -12.60 33.08
CA ALA A 482 31.12 -11.80 32.99
C ALA A 482 31.94 -12.35 31.82
N LEU A 483 31.74 -11.79 30.62
CA LEU A 483 32.44 -12.24 29.41
C LEU A 483 33.53 -11.27 28.96
N ARG A 484 34.80 -11.67 29.17
CA ARG A 484 35.99 -10.90 28.80
C ARG A 484 36.13 -10.86 27.28
N GLN A 485 36.28 -9.64 26.71
CA GLN A 485 36.37 -9.41 25.27
C GLN A 485 37.79 -8.93 24.82
N PRO A 486 38.09 -8.71 23.49
CA PRO A 486 39.43 -8.23 23.13
C PRO A 486 39.67 -6.74 23.41
N ASN A 487 39.80 -6.39 24.70
CA ASN A 487 40.07 -5.02 25.18
C ASN A 487 41.17 -4.95 26.28
N GLY A 488 41.10 -5.71 27.39
CA GLY A 488 40.11 -6.73 27.73
C GLY A 488 39.11 -6.35 28.81
N GLN A 489 38.04 -5.64 28.44
CA GLN A 489 36.98 -5.19 29.35
C GLN A 489 35.91 -6.27 29.53
N VAL A 490 35.38 -6.38 30.76
CA VAL A 490 34.37 -7.37 31.14
C VAL A 490 32.96 -6.93 30.71
N TRP A 491 32.28 -7.79 29.91
CA TRP A 491 30.91 -7.54 29.48
C TRP A 491 29.98 -8.31 30.40
N SER A 492 29.25 -7.56 31.23
CA SER A 492 28.31 -8.12 32.19
C SER A 492 26.89 -7.68 31.84
N PRO A 493 26.19 -8.38 30.89
CA PRO A 493 24.81 -7.99 30.58
C PRO A 493 23.87 -8.29 31.75
N GLN A 494 22.90 -7.43 31.97
CA GLN A 494 21.94 -7.57 33.07
C GLN A 494 20.53 -7.70 32.53
N ASN A 495 19.63 -8.27 33.34
CA ASN A 495 18.20 -8.37 33.02
C ASN A 495 17.62 -6.98 33.27
N ASP A 496 16.51 -6.63 32.61
CA ASP A 496 15.88 -5.30 32.75
C ASP A 496 15.64 -4.82 34.20
N ASP A 497 15.29 -5.76 35.09
CA ASP A 497 15.05 -5.47 36.51
C ASP A 497 16.30 -5.68 37.36
N ARG A 498 17.42 -6.13 36.72
CA ARG A 498 18.73 -6.42 37.34
C ARG A 498 18.67 -7.55 38.38
N ARG A 499 17.61 -8.38 38.27
CA ARG A 499 17.31 -9.54 39.12
C ARG A 499 17.59 -10.84 38.36
N TYR A 500 17.76 -11.94 39.11
CA TYR A 500 17.99 -13.27 38.57
C TYR A 500 16.97 -14.22 39.20
N SER A 501 16.64 -15.33 38.51
CA SER A 501 15.67 -16.31 39.00
C SER A 501 16.10 -16.97 40.32
N GLU A 502 15.13 -17.16 41.25
CA GLU A 502 15.36 -17.75 42.58
C GLU A 502 16.09 -19.10 42.53
N SER A 503 15.62 -20.00 41.67
CA SER A 503 16.20 -21.33 41.47
C SER A 503 17.53 -21.28 40.69
N GLY A 504 17.81 -20.13 40.09
CA GLY A 504 19.01 -19.90 39.28
C GLY A 504 18.83 -20.40 37.85
N ARG A 505 17.57 -20.55 37.41
CA ARG A 505 17.21 -21.03 36.07
C ARG A 505 15.78 -20.64 35.64
N VAL A 506 15.55 -20.74 34.32
CA VAL A 506 14.28 -20.49 33.63
C VAL A 506 14.21 -21.43 32.44
N MET A 507 12.99 -21.76 32.00
CA MET A 507 12.79 -22.58 30.82
C MET A 507 12.90 -21.68 29.59
N LEU A 508 13.29 -22.28 28.44
CA LEU A 508 13.48 -21.60 27.15
C LEU A 508 12.27 -20.74 26.79
N VAL A 509 11.06 -21.33 26.87
CA VAL A 509 9.76 -20.69 26.57
C VAL A 509 9.58 -19.38 27.34
N ASP A 510 9.80 -19.38 28.66
CA ASP A 510 9.64 -18.20 29.52
C ASP A 510 10.68 -17.14 29.27
N ALA A 511 11.92 -17.56 28.96
CA ALA A 511 13.06 -16.66 28.67
C ALA A 511 12.78 -15.75 27.46
N LEU A 512 12.13 -16.27 26.40
CA LEU A 512 11.77 -15.46 25.24
C LEU A 512 10.48 -14.65 25.52
N THR A 513 9.49 -15.28 26.17
CA THR A 513 8.20 -14.69 26.55
C THR A 513 8.40 -13.39 27.37
N ARG A 514 9.27 -13.45 28.38
CA ARG A 514 9.55 -12.34 29.27
C ARG A 514 10.70 -11.43 28.78
N SER A 515 11.29 -11.77 27.60
CA SER A 515 12.40 -11.07 26.94
C SER A 515 13.58 -10.88 27.90
N MET A 516 14.00 -11.98 28.55
CA MET A 516 15.08 -12.02 29.54
C MET A 516 16.43 -11.98 28.85
N ASN A 517 17.28 -10.99 29.22
CA ASN A 517 18.60 -10.79 28.60
C ASN A 517 19.62 -11.85 28.98
N VAL A 518 19.84 -12.06 30.29
CA VAL A 518 20.80 -13.02 30.84
C VAL A 518 20.64 -14.45 30.26
N PRO A 519 19.44 -15.09 30.27
CA PRO A 519 19.30 -16.41 29.63
C PRO A 519 19.47 -16.38 28.11
N THR A 520 19.22 -15.23 27.45
CA THR A 520 19.37 -15.09 26.00
C THR A 520 20.84 -15.20 25.58
N VAL A 521 21.73 -14.50 26.32
CA VAL A 521 23.18 -14.51 26.12
C VAL A 521 23.70 -15.94 26.32
N ASN A 522 23.38 -16.57 27.47
CA ASN A 522 23.79 -17.94 27.81
C ASN A 522 23.40 -18.94 26.72
N LEU A 523 22.18 -18.82 26.17
CA LEU A 523 21.71 -19.70 25.11
C LEU A 523 22.46 -19.41 23.80
N GLY A 524 22.60 -18.12 23.48
CA GLY A 524 23.30 -17.64 22.30
C GLY A 524 24.78 -17.95 22.27
N MET A 525 25.43 -17.97 23.45
CA MET A 525 26.85 -18.30 23.58
C MET A 525 27.07 -19.83 23.52
N ALA A 526 26.05 -20.63 23.92
CA ALA A 526 26.12 -22.08 23.88
C ALA A 526 25.98 -22.57 22.42
N LEU A 527 25.15 -21.90 21.60
CA LEU A 527 24.96 -22.25 20.19
C LEU A 527 26.13 -21.71 19.36
N GLY A 528 26.76 -20.67 19.87
CA GLY A 528 27.85 -19.96 19.22
C GLY A 528 27.30 -18.90 18.31
N LEU A 529 27.97 -17.75 18.26
CA LEU A 529 27.60 -16.62 17.41
C LEU A 529 27.56 -16.95 15.90
N PRO A 530 28.47 -17.80 15.31
CA PRO A 530 28.34 -18.07 13.85
C PRO A 530 27.04 -18.77 13.47
N ALA A 531 26.50 -19.64 14.36
CA ALA A 531 25.23 -20.34 14.15
C ALA A 531 24.07 -19.35 14.15
N VAL A 532 24.10 -18.38 15.08
CA VAL A 532 23.08 -17.32 15.23
C VAL A 532 23.19 -16.32 14.06
N THR A 533 24.42 -16.11 13.53
CA THR A 533 24.65 -15.23 12.39
C THR A 533 24.17 -15.90 11.11
N GLU A 534 24.21 -17.25 11.07
CA GLU A 534 23.77 -18.08 9.96
C GLU A 534 22.24 -18.01 9.80
N THR A 535 21.50 -17.98 10.94
CA THR A 535 20.04 -17.87 10.99
C THR A 535 19.58 -16.54 10.37
N TRP A 536 20.27 -15.43 10.73
CA TRP A 536 19.99 -14.08 10.24
C TRP A 536 20.08 -13.95 8.71
N ILE A 537 21.13 -14.57 8.10
CA ILE A 537 21.37 -14.60 6.66
C ILE A 537 20.19 -15.30 5.97
N LYS A 538 19.74 -16.41 6.57
CA LYS A 538 18.60 -17.20 6.11
C LYS A 538 17.29 -16.42 6.30
N LEU A 539 17.21 -15.55 7.35
CA LEU A 539 16.01 -14.72 7.59
C LEU A 539 15.83 -13.62 6.53
N GLY A 540 16.92 -13.22 5.86
CA GLY A 540 16.88 -12.23 4.78
C GLY A 540 17.47 -10.87 5.04
N VAL A 541 18.14 -10.68 6.19
CA VAL A 541 18.74 -9.39 6.57
C VAL A 541 20.08 -9.13 5.84
N PRO A 542 20.43 -7.86 5.48
CA PRO A 542 21.70 -7.61 4.77
C PRO A 542 22.93 -8.12 5.51
N LYS A 543 23.75 -8.89 4.78
CA LYS A 543 24.96 -9.59 5.23
C LYS A 543 26.04 -8.69 5.83
N ASP A 544 26.19 -7.47 5.31
CA ASP A 544 27.21 -6.51 5.77
C ASP A 544 26.88 -5.84 7.12
N GLN A 545 25.65 -6.01 7.61
CA GLN A 545 25.16 -5.41 8.86
C GLN A 545 25.34 -6.34 10.07
N LEU A 546 25.73 -7.60 9.82
CA LEU A 546 25.91 -8.60 10.86
C LEU A 546 27.33 -8.60 11.44
N HIS A 547 27.44 -8.21 12.73
CA HIS A 547 28.72 -8.17 13.41
C HIS A 547 28.74 -9.26 14.49
N PRO A 548 29.40 -10.42 14.23
CA PRO A 548 29.35 -11.54 15.18
C PRO A 548 30.10 -11.36 16.50
N VAL A 549 29.55 -10.52 17.37
CA VAL A 549 30.08 -10.24 18.71
C VAL A 549 28.99 -10.58 19.74
N PRO A 550 29.31 -10.99 20.99
CA PRO A 550 28.25 -11.35 21.95
C PRO A 550 27.09 -10.37 22.13
N ALA A 551 27.32 -9.07 21.84
CA ALA A 551 26.34 -7.98 21.92
C ALA A 551 25.20 -8.12 20.91
N MET A 552 25.45 -8.80 19.76
CA MET A 552 24.48 -9.04 18.68
C MET A 552 23.22 -9.77 19.18
N LEU A 553 23.39 -10.72 20.13
CA LEU A 553 22.32 -11.49 20.76
C LEU A 553 21.33 -10.60 21.53
N LEU A 554 21.75 -9.37 21.88
CA LEU A 554 20.91 -8.42 22.60
C LEU A 554 20.41 -7.21 21.80
N GLY A 555 20.79 -7.12 20.53
CA GLY A 555 20.33 -6.04 19.66
C GLY A 555 21.37 -5.18 18.99
N ALA A 556 22.66 -5.61 18.98
CA ALA A 556 23.73 -4.87 18.30
C ALA A 556 23.66 -5.22 16.81
N LEU A 557 22.52 -4.85 16.21
CA LEU A 557 22.16 -5.06 14.83
C LEU A 557 21.29 -3.88 14.41
N ASN A 558 21.84 -3.02 13.55
CA ASN A 558 21.17 -1.82 13.06
C ASN A 558 20.50 -2.11 11.72
N LEU A 559 19.16 -2.13 11.73
CA LEU A 559 18.35 -2.42 10.53
C LEU A 559 17.28 -1.35 10.33
N THR A 560 16.75 -1.28 9.12
CA THR A 560 15.63 -0.40 8.78
C THR A 560 14.32 -1.21 9.01
N PRO A 561 13.14 -0.58 9.29
CA PRO A 561 11.91 -1.39 9.48
C PRO A 561 11.58 -2.37 8.35
N ILE A 562 11.95 -2.04 7.09
CA ILE A 562 11.74 -2.92 5.94
C ILE A 562 12.63 -4.19 6.02
N GLU A 563 13.85 -4.04 6.55
CA GLU A 563 14.80 -5.15 6.75
C GLU A 563 14.34 -6.02 7.91
N VAL A 564 13.67 -5.39 8.90
CA VAL A 564 13.11 -6.09 10.05
C VAL A 564 11.88 -6.90 9.57
N ALA A 565 11.09 -6.30 8.63
CA ALA A 565 9.90 -6.92 8.01
C ALA A 565 10.23 -8.19 7.26
N GLN A 566 11.43 -8.25 6.64
CA GLN A 566 11.92 -9.42 5.91
C GLN A 566 12.24 -10.58 6.86
N ALA A 567 12.93 -10.29 8.01
CA ALA A 567 13.33 -11.26 9.02
C ALA A 567 12.13 -11.91 9.70
N PHE A 568 11.10 -11.12 10.04
CA PHE A 568 9.88 -11.60 10.68
C PHE A 568 8.93 -12.30 9.72
N GLN A 569 8.95 -11.93 8.42
CA GLN A 569 8.14 -12.57 7.37
C GLN A 569 8.59 -14.03 7.19
N THR A 570 9.94 -14.27 7.14
CA THR A 570 10.59 -15.57 6.98
C THR A 570 10.09 -16.57 8.02
N ILE A 571 9.98 -16.14 9.28
CA ILE A 571 9.51 -17.01 10.36
C ILE A 571 7.97 -17.13 10.38
N ALA A 572 7.26 -16.03 10.06
CA ALA A 572 5.80 -16.02 10.05
C ALA A 572 5.17 -16.87 8.94
N SER A 573 5.86 -16.99 7.78
CA SER A 573 5.39 -17.81 6.66
C SER A 573 5.49 -19.32 6.97
N GLY A 574 6.26 -19.67 8.00
CA GLY A 574 6.51 -21.04 8.42
C GLY A 574 7.91 -21.51 8.09
N GLY A 575 8.82 -20.55 7.93
CA GLY A 575 10.21 -20.80 7.61
C GLY A 575 10.62 -20.56 6.16
N ASN A 576 9.68 -20.03 5.34
CA ASN A 576 9.90 -19.73 3.93
C ASN A 576 10.24 -18.27 3.71
N ARG A 577 11.50 -17.98 3.34
CA ARG A 577 11.97 -16.62 3.06
C ARG A 577 11.45 -16.16 1.70
N ALA A 578 10.48 -15.23 1.70
CA ALA A 578 9.91 -14.68 0.46
C ALA A 578 10.41 -13.23 0.27
N PRO A 579 11.30 -12.97 -0.71
CA PRO A 579 11.81 -11.59 -0.89
C PRO A 579 10.69 -10.55 -1.06
N LEU A 580 10.66 -9.54 -0.16
CA LEU A 580 9.67 -8.47 -0.13
C LEU A 580 9.59 -7.69 -1.43
N SER A 581 8.38 -7.54 -1.97
CA SER A 581 8.18 -6.85 -3.25
C SER A 581 7.04 -5.84 -3.26
N ALA A 582 7.15 -4.85 -4.15
CA ALA A 582 6.18 -3.79 -4.38
C ALA A 582 5.61 -3.91 -5.80
N LEU A 583 6.22 -4.75 -6.66
CA LEU A 583 5.77 -4.93 -8.03
C LEU A 583 5.17 -6.29 -8.30
N ARG A 584 3.93 -6.28 -8.82
CA ARG A 584 3.19 -7.47 -9.22
C ARG A 584 3.38 -7.68 -10.73
N SER A 585 3.33 -6.57 -11.51
CA SER A 585 3.48 -6.55 -12.97
C SER A 585 3.70 -5.15 -13.54
N VAL A 586 4.32 -5.10 -14.74
CA VAL A 586 4.56 -3.88 -15.53
C VAL A 586 4.00 -4.19 -16.93
N ILE A 587 2.95 -3.45 -17.33
CA ILE A 587 2.26 -3.66 -18.61
C ILE A 587 2.44 -2.46 -19.53
N ALA A 588 2.68 -2.72 -20.83
CA ALA A 588 2.82 -1.70 -21.86
C ALA A 588 1.44 -1.24 -22.35
N GLU A 589 1.41 -0.19 -23.20
CA GLU A 589 0.20 0.38 -23.79
C GLU A 589 -0.58 -0.64 -24.62
N ASP A 590 0.13 -1.45 -25.43
CA ASP A 590 -0.46 -2.48 -26.29
C ASP A 590 -0.75 -3.80 -25.57
N GLY A 591 -0.80 -3.75 -24.23
CA GLY A 591 -1.06 -4.90 -23.37
C GLY A 591 0.07 -5.91 -23.32
N LYS A 592 1.29 -5.48 -23.66
CA LYS A 592 2.48 -6.32 -23.66
C LYS A 592 3.07 -6.36 -22.25
N VAL A 593 3.24 -7.58 -21.70
CA VAL A 593 3.78 -7.80 -20.36
C VAL A 593 5.30 -7.61 -20.41
N LEU A 594 5.78 -6.51 -19.81
CA LEU A 594 7.20 -6.15 -19.74
C LEU A 594 7.86 -6.87 -18.57
N TYR A 595 7.17 -6.91 -17.41
CA TYR A 595 7.58 -7.58 -16.18
C TYR A 595 6.36 -8.29 -15.55
N GLN A 596 6.58 -9.51 -15.04
CA GLN A 596 5.59 -10.31 -14.35
C GLN A 596 6.27 -11.04 -13.20
N SER A 597 5.93 -10.67 -11.95
CA SER A 597 6.49 -11.29 -10.76
C SER A 597 5.92 -12.70 -10.55
N PHE A 598 6.71 -13.58 -9.94
CA PHE A 598 6.32 -14.97 -9.70
C PHE A 598 6.72 -15.43 -8.28
N PRO A 599 6.03 -16.45 -7.68
CA PRO A 599 6.44 -16.91 -6.33
C PRO A 599 7.86 -17.47 -6.33
N GLN A 600 8.73 -16.84 -5.52
CA GLN A 600 10.14 -17.21 -5.40
C GLN A 600 10.58 -17.41 -3.94
N ALA A 601 9.68 -17.97 -3.11
CA ALA A 601 9.93 -18.27 -1.69
C ALA A 601 11.01 -19.34 -1.57
N GLU A 602 11.85 -19.23 -0.54
CA GLU A 602 12.94 -20.17 -0.32
C GLU A 602 12.95 -20.69 1.11
N ARG A 603 13.09 -22.03 1.28
CA ARG A 603 13.15 -22.71 2.57
C ARG A 603 14.44 -22.30 3.31
N ALA A 604 14.28 -21.53 4.41
CA ALA A 604 15.40 -20.98 5.19
C ALA A 604 15.65 -21.71 6.50
N VAL A 605 14.61 -21.83 7.32
CA VAL A 605 14.65 -22.50 8.62
C VAL A 605 13.60 -23.62 8.62
N PRO A 606 13.75 -24.72 9.40
CA PRO A 606 12.73 -25.78 9.40
C PRO A 606 11.35 -25.27 9.86
N ALA A 607 10.28 -25.87 9.32
CA ALA A 607 8.88 -25.52 9.59
C ALA A 607 8.48 -25.57 11.08
N GLN A 608 8.96 -26.60 11.78
CA GLN A 608 8.66 -26.88 13.19
C GLN A 608 9.35 -25.92 14.15
N ALA A 609 10.57 -25.49 13.80
CA ALA A 609 11.33 -24.51 14.58
C ALA A 609 10.64 -23.14 14.50
N ALA A 610 10.15 -22.79 13.31
CA ALA A 610 9.43 -21.54 13.06
C ALA A 610 8.11 -21.51 13.84
N TYR A 611 7.39 -22.65 13.87
CA TYR A 611 6.11 -22.79 14.59
C TYR A 611 6.30 -22.62 16.10
N LEU A 612 7.33 -23.27 16.66
CA LEU A 612 7.66 -23.24 18.09
C LEU A 612 8.03 -21.82 18.54
N THR A 613 8.67 -21.05 17.63
CA THR A 613 9.05 -19.65 17.87
C THR A 613 7.79 -18.77 17.82
N LEU A 614 6.91 -19.00 16.81
CA LEU A 614 5.65 -18.31 16.58
C LEU A 614 4.68 -18.52 17.76
N TRP A 615 4.62 -19.76 18.31
CA TRP A 615 3.80 -20.16 19.46
C TRP A 615 4.30 -19.45 20.73
N THR A 616 5.64 -19.31 20.87
CA THR A 616 6.26 -18.59 21.99
C THR A 616 6.01 -17.09 21.82
N MET A 617 5.96 -16.60 20.56
CA MET A 617 5.65 -15.20 20.24
C MET A 617 4.19 -14.86 20.59
N GLN A 618 3.33 -15.89 20.70
CA GLN A 618 1.93 -15.73 21.11
C GLN A 618 1.89 -15.63 22.64
N GLN A 619 2.84 -16.29 23.31
CA GLN A 619 2.96 -16.28 24.77
C GLN A 619 3.43 -14.91 25.24
N VAL A 620 4.27 -14.21 24.44
CA VAL A 620 4.73 -12.86 24.79
C VAL A 620 3.56 -11.87 24.70
N VAL A 621 2.64 -12.07 23.73
CA VAL A 621 1.47 -11.23 23.50
C VAL A 621 0.34 -11.54 24.48
N GLN A 622 0.29 -12.79 24.98
CA GLN A 622 -0.75 -13.21 25.93
C GLN A 622 -0.36 -13.04 27.39
N ARG A 623 0.89 -13.40 27.75
CA ARG A 623 1.35 -13.32 29.15
C ARG A 623 2.64 -12.55 29.41
N GLY A 624 3.52 -12.49 28.40
CA GLY A 624 4.80 -11.81 28.48
C GLY A 624 4.77 -10.30 28.36
N THR A 625 5.83 -9.72 27.79
CA THR A 625 6.03 -8.28 27.59
C THR A 625 4.90 -7.59 26.83
N GLY A 626 4.34 -8.30 25.84
CA GLY A 626 3.26 -7.81 25.01
C GLY A 626 1.85 -8.13 25.52
N ARG A 627 1.71 -8.54 26.79
CA ARG A 627 0.42 -8.90 27.37
C ARG A 627 -0.69 -7.82 27.38
N GLN A 628 -0.30 -6.54 27.21
CA GLN A 628 -1.22 -5.39 27.12
C GLN A 628 -2.04 -5.45 25.82
N LEU A 629 -1.50 -6.08 24.77
CA LEU A 629 -2.19 -6.24 23.48
C LEU A 629 -3.14 -7.43 23.51
N GLY A 630 -2.69 -8.54 24.10
CA GLY A 630 -3.43 -9.80 24.21
C GLY A 630 -4.66 -9.75 25.06
N ALA A 631 -4.77 -8.73 25.92
CA ALA A 631 -5.94 -8.51 26.77
C ALA A 631 -6.98 -7.71 25.99
N LYS A 632 -6.53 -6.84 25.07
CA LYS A 632 -7.40 -6.02 24.21
C LYS A 632 -7.96 -6.88 23.08
N TYR A 633 -7.12 -7.76 22.49
CA TYR A 633 -7.55 -8.66 21.41
C TYR A 633 -7.19 -10.15 21.67
N PRO A 634 -7.80 -10.82 22.67
CA PRO A 634 -7.43 -12.24 22.90
C PRO A 634 -7.79 -13.22 21.78
N ASN A 635 -8.85 -12.91 21.01
CA ASN A 635 -9.35 -13.74 19.92
C ASN A 635 -8.58 -13.62 18.59
N LEU A 636 -7.49 -12.83 18.60
CA LEU A 636 -6.62 -12.62 17.45
C LEU A 636 -5.37 -13.51 17.53
N HIS A 637 -5.03 -13.97 18.75
CA HIS A 637 -3.88 -14.84 19.08
C HIS A 637 -2.59 -14.39 18.37
N LEU A 638 -2.34 -13.06 18.37
CA LEU A 638 -1.19 -12.42 17.76
C LEU A 638 0.12 -12.97 18.26
N ALA A 639 1.05 -13.22 17.34
CA ALA A 639 2.40 -13.64 17.63
C ALA A 639 3.22 -12.36 17.52
N GLY A 640 3.98 -12.05 18.56
CA GLY A 640 4.76 -10.81 18.56
C GLY A 640 6.01 -10.80 19.40
N LYS A 641 6.70 -9.66 19.36
CA LYS A 641 7.94 -9.40 20.10
C LYS A 641 8.10 -7.90 20.26
N THR A 642 8.45 -7.48 21.47
CA THR A 642 8.69 -6.08 21.83
C THR A 642 10.18 -5.79 21.70
N GLY A 643 10.52 -4.50 21.63
CA GLY A 643 11.91 -4.05 21.53
C GLY A 643 12.11 -2.72 22.21
N THR A 644 13.10 -2.65 23.11
CA THR A 644 13.45 -1.43 23.84
C THR A 644 14.97 -1.33 23.92
N THR A 645 15.59 -0.43 23.12
CA THR A 645 17.04 -0.26 23.14
C THR A 645 17.46 0.46 24.43
N ASN A 646 18.77 0.52 24.70
CA ASN A 646 19.29 1.16 25.90
C ASN A 646 18.93 2.64 25.97
N ASN A 647 18.61 3.13 27.19
CA ASN A 647 18.22 4.51 27.49
C ASN A 647 16.98 4.98 26.69
N ASN A 648 16.04 4.03 26.46
CA ASN A 648 14.77 4.24 25.75
C ASN A 648 14.92 5.10 24.47
N VAL A 649 15.96 4.81 23.67
CA VAL A 649 16.27 5.51 22.44
C VAL A 649 15.33 5.06 21.31
N ASP A 650 15.11 3.74 21.21
CA ASP A 650 14.25 3.13 20.19
C ASP A 650 13.25 2.17 20.80
N THR A 651 11.99 2.27 20.34
CA THR A 651 10.91 1.39 20.75
C THR A 651 10.43 0.63 19.51
N TRP A 652 10.41 -0.71 19.59
CA TRP A 652 10.01 -1.59 18.49
C TRP A 652 8.94 -2.58 18.87
N PHE A 653 8.13 -2.99 17.87
CA PHE A 653 7.13 -4.05 17.99
C PHE A 653 6.91 -4.77 16.67
N ALA A 654 6.94 -6.11 16.72
CA ALA A 654 6.72 -6.96 15.56
C ALA A 654 5.43 -7.75 15.77
N GLY A 655 4.37 -7.34 15.08
CA GLY A 655 3.04 -7.94 15.18
C GLY A 655 2.66 -8.83 14.02
N ILE A 656 2.27 -10.09 14.32
CA ILE A 656 1.87 -11.09 13.32
C ILE A 656 0.41 -11.53 13.48
N ASP A 657 -0.43 -11.20 12.49
CA ASP A 657 -1.83 -11.64 12.46
C ASP A 657 -1.96 -12.81 11.46
N GLY A 658 -3.19 -13.20 11.14
CA GLY A 658 -3.46 -14.30 10.22
C GLY A 658 -3.04 -14.04 8.79
N SER A 659 -2.97 -12.75 8.38
CA SER A 659 -2.62 -12.37 7.02
C SER A 659 -1.35 -11.54 6.84
N THR A 660 -0.96 -10.74 7.87
CA THR A 660 0.17 -9.82 7.75
C THR A 660 1.19 -9.84 8.87
N VAL A 661 2.40 -9.37 8.54
CA VAL A 661 3.55 -9.13 9.43
C VAL A 661 3.68 -7.61 9.46
N THR A 662 3.58 -7.03 10.64
CA THR A 662 3.66 -5.58 10.81
C THR A 662 4.82 -5.18 11.72
N ILE A 663 5.73 -4.36 11.18
CA ILE A 663 6.88 -3.84 11.93
C ILE A 663 6.61 -2.38 12.23
N THR A 664 6.52 -2.04 13.52
CA THR A 664 6.29 -0.68 13.97
C THR A 664 7.47 -0.20 14.79
N TRP A 665 8.03 0.94 14.42
CA TRP A 665 9.17 1.56 15.10
C TRP A 665 8.76 2.95 15.55
N VAL A 666 9.06 3.28 16.82
CA VAL A 666 8.77 4.59 17.41
C VAL A 666 10.03 5.07 18.14
N GLY A 667 10.59 6.18 17.65
CA GLY A 667 11.80 6.79 18.20
C GLY A 667 12.00 8.21 17.70
N ARG A 668 13.05 8.88 18.18
CA ARG A 668 13.36 10.26 17.79
C ARG A 668 14.54 10.33 16.83
N ASP A 669 14.42 11.17 15.77
CA ASP A 669 15.43 11.38 14.71
C ASP A 669 16.80 11.82 15.23
N ASN A 670 16.84 12.46 16.41
CA ASN A 670 18.07 12.92 17.05
C ASN A 670 18.67 11.87 17.99
N ASN A 671 18.19 10.59 17.92
CA ASN A 671 18.65 9.44 18.70
C ASN A 671 18.56 9.68 20.22
N GLN A 672 17.58 10.51 20.64
CA GLN A 672 17.35 10.92 22.04
C GLN A 672 16.30 10.07 22.78
N PRO A 673 16.30 10.05 24.15
CA PRO A 673 15.31 9.24 24.87
C PRO A 673 13.85 9.60 24.58
N THR A 674 13.01 8.58 24.46
CA THR A 674 11.58 8.67 24.13
C THR A 674 10.66 8.63 25.36
N LYS A 675 11.21 8.27 26.54
CA LYS A 675 10.48 8.10 27.82
C LYS A 675 9.38 7.04 27.63
N LEU A 676 9.60 6.16 26.63
CA LEU A 676 8.71 5.10 26.18
C LEU A 676 9.41 3.74 26.13
N TYR A 677 8.62 2.67 26.26
CA TYR A 677 9.10 1.28 26.22
C TYR A 677 8.58 0.61 24.95
N GLY A 678 8.84 -0.69 24.79
CA GLY A 678 8.39 -1.49 23.66
C GLY A 678 6.90 -1.71 23.66
N ALA A 679 6.32 -2.06 24.84
CA ALA A 679 4.89 -2.29 25.07
C ALA A 679 4.10 -1.00 24.88
N SER A 680 4.64 0.12 25.39
CA SER A 680 4.07 1.45 25.21
C SER A 680 4.67 1.98 23.90
N GLY A 681 4.21 3.12 23.42
CA GLY A 681 4.73 3.69 22.17
C GLY A 681 4.46 2.85 20.94
N ALA A 682 5.51 2.16 20.41
CA ALA A 682 5.49 1.34 19.19
C ALA A 682 4.33 0.35 19.09
N MET A 683 4.09 -0.42 20.16
CA MET A 683 3.01 -1.39 20.24
C MET A 683 1.65 -0.68 20.36
N SER A 684 1.62 0.51 21.00
CA SER A 684 0.37 1.30 21.12
C SER A 684 0.00 1.94 19.76
N ILE A 685 0.95 1.99 18.81
CA ILE A 685 0.73 2.48 17.46
C ILE A 685 0.18 1.30 16.62
N TYR A 686 0.60 0.07 16.97
CA TYR A 686 0.14 -1.15 16.31
C TYR A 686 -1.28 -1.47 16.72
N GLN A 687 -1.63 -1.24 18.01
CA GLN A 687 -2.97 -1.45 18.55
C GLN A 687 -3.97 -0.51 17.86
N ARG A 688 -3.51 0.71 17.51
CA ARG A 688 -4.28 1.74 16.81
C ARG A 688 -4.47 1.30 15.37
N TYR A 689 -3.41 0.71 14.75
CA TYR A 689 -3.45 0.17 13.39
C TYR A 689 -4.45 -0.99 13.31
N LEU A 690 -4.47 -1.87 14.34
CA LEU A 690 -5.41 -3.01 14.42
C LEU A 690 -6.84 -2.54 14.65
N ALA A 691 -7.05 -1.48 15.46
CA ALA A 691 -8.38 -0.91 15.74
C ALA A 691 -8.94 -0.13 14.56
N ASN A 692 -8.05 0.40 13.69
CA ASN A 692 -8.45 1.17 12.50
C ASN A 692 -8.91 0.29 11.32
N GLN A 693 -8.65 -1.02 11.39
CA GLN A 693 -9.03 -1.99 10.36
C GLN A 693 -9.56 -3.30 10.95
N THR A 694 -9.80 -4.31 10.10
CA THR A 694 -10.28 -5.61 10.56
C THR A 694 -9.13 -6.62 10.45
N PRO A 695 -8.45 -6.95 11.55
CA PRO A 695 -7.34 -7.91 11.46
C PRO A 695 -7.79 -9.37 11.44
N THR A 696 -7.04 -10.21 10.70
CA THR A 696 -7.28 -11.64 10.58
C THR A 696 -6.73 -12.35 11.84
N PRO A 697 -7.53 -13.20 12.52
CA PRO A 697 -7.02 -13.89 13.71
C PRO A 697 -5.96 -14.94 13.39
N LEU A 698 -4.88 -14.98 14.20
CA LEU A 698 -3.83 -15.96 13.98
C LEU A 698 -4.16 -17.33 14.56
N ASN A 699 -4.43 -18.28 13.65
CA ASN A 699 -4.67 -19.67 14.00
C ASN A 699 -3.49 -20.44 13.46
N LEU A 700 -2.56 -20.80 14.35
CA LEU A 700 -1.36 -21.51 13.96
C LEU A 700 -1.67 -22.95 13.66
N VAL A 701 -1.42 -23.35 12.41
CA VAL A 701 -1.62 -24.73 11.98
C VAL A 701 -0.31 -25.44 12.28
N PRO A 702 -0.29 -26.41 13.22
CA PRO A 702 0.97 -27.11 13.52
C PRO A 702 1.42 -27.96 12.33
N PRO A 703 2.69 -27.87 11.89
CA PRO A 703 3.12 -28.72 10.76
C PRO A 703 3.39 -30.15 11.23
N GLU A 704 4.12 -30.93 10.42
CA GLU A 704 4.47 -32.33 10.68
C GLU A 704 5.34 -32.46 11.94
N ASP A 705 5.18 -33.56 12.68
CA ASP A 705 5.94 -33.90 13.89
C ASP A 705 5.76 -32.96 15.08
N ILE A 706 4.61 -32.28 15.18
CA ILE A 706 4.31 -31.41 16.31
C ILE A 706 3.40 -32.16 17.28
N ALA A 707 3.89 -32.39 18.51
CA ALA A 707 3.16 -33.11 19.54
C ALA A 707 3.07 -32.31 20.84
N ASP A 708 1.83 -32.06 21.30
CA ASP A 708 1.57 -31.34 22.54
C ASP A 708 1.86 -32.28 23.71
N MET A 709 2.98 -32.03 24.40
CA MET A 709 3.44 -32.86 25.52
C MET A 709 3.31 -32.14 26.86
N GLY A 710 3.09 -32.94 27.91
CA GLY A 710 2.97 -32.47 29.27
C GLY A 710 4.27 -32.56 30.05
N VAL A 711 4.59 -31.49 30.83
CA VAL A 711 5.78 -31.38 31.69
C VAL A 711 5.40 -31.14 33.15
N ASP A 712 6.22 -31.65 34.10
CA ASP A 712 5.98 -31.46 35.54
C ASP A 712 6.65 -30.15 36.02
N TYR A 713 6.59 -29.84 37.35
CA TYR A 713 7.21 -28.62 37.89
C TYR A 713 8.73 -28.57 37.67
N ASP A 714 9.38 -29.74 37.64
CA ASP A 714 10.81 -29.91 37.38
C ASP A 714 11.17 -29.71 35.88
N GLY A 715 10.15 -29.69 35.01
CA GLY A 715 10.29 -29.48 33.57
C GLY A 715 10.52 -30.74 32.76
N ASN A 716 10.23 -31.90 33.36
CA ASN A 716 10.43 -33.22 32.76
C ASN A 716 9.14 -33.75 32.15
N PHE A 717 9.23 -34.33 30.94
CA PHE A 717 8.11 -34.90 30.19
C PHE A 717 7.43 -36.04 30.97
N VAL A 718 6.09 -35.96 31.13
CA VAL A 718 5.24 -36.92 31.85
C VAL A 718 4.35 -37.69 30.84
N CYS A 719 4.14 -39.01 31.06
CA CYS A 719 3.32 -39.90 30.22
C CYS A 719 1.87 -39.41 30.09
N SER A 720 1.25 -39.03 31.23
CA SER A 720 -0.11 -38.48 31.31
C SER A 720 -0.14 -37.43 32.42
N GLY A 721 -0.71 -36.28 32.11
CA GLY A 721 -0.83 -35.18 33.07
C GLY A 721 0.22 -34.11 32.88
N GLY A 722 0.67 -33.56 34.00
CA GLY A 722 1.65 -32.47 34.02
C GLY A 722 0.96 -31.13 34.16
N MET A 723 1.58 -30.20 34.90
CA MET A 723 1.04 -28.86 35.13
C MET A 723 1.17 -27.88 33.95
N ARG A 724 1.83 -28.30 32.86
CA ARG A 724 2.06 -27.46 31.67
C ARG A 724 2.04 -28.29 30.38
N ILE A 725 1.43 -27.74 29.30
CA ILE A 725 1.35 -28.40 27.99
C ILE A 725 2.13 -27.58 26.95
N LEU A 726 3.25 -28.12 26.45
CA LEU A 726 4.11 -27.45 25.47
C LEU A 726 4.21 -28.19 24.13
N PRO A 727 4.12 -27.49 22.98
CA PRO A 727 4.29 -28.18 21.68
C PRO A 727 5.75 -28.64 21.49
N VAL A 728 5.95 -29.87 20.99
CA VAL A 728 7.29 -30.46 20.81
C VAL A 728 7.47 -31.02 19.39
N TRP A 729 8.60 -30.70 18.75
CA TRP A 729 8.97 -31.20 17.42
C TRP A 729 9.52 -32.62 17.65
N THR A 730 8.62 -33.63 17.55
CA THR A 730 8.91 -35.06 17.75
C THR A 730 7.88 -35.92 16.99
N SER A 731 8.35 -36.97 16.28
CA SER A 731 7.52 -37.89 15.51
C SER A 731 7.03 -39.10 16.33
N ASP A 732 7.57 -39.26 17.56
CA ASP A 732 7.21 -40.34 18.48
C ASP A 732 7.21 -39.76 19.91
N PRO A 733 6.06 -39.21 20.39
CA PRO A 733 6.01 -38.63 21.75
C PRO A 733 6.58 -39.45 22.90
N GLN A 734 6.97 -40.72 22.66
CA GLN A 734 7.59 -41.57 23.68
C GLN A 734 9.02 -41.06 23.92
N SER A 735 9.12 -39.73 24.15
CA SER A 735 10.28 -38.97 24.56
C SER A 735 10.03 -38.85 26.07
N LEU A 736 8.74 -39.02 26.46
CA LEU A 736 8.28 -39.03 27.83
C LEU A 736 8.76 -40.28 28.57
N CYS A 737 8.74 -41.47 27.90
CA CYS A 737 9.18 -42.75 28.44
C CYS A 737 10.66 -42.71 28.84
N GLN A 738 11.49 -42.14 27.95
CA GLN A 738 12.94 -41.96 28.12
C GLN A 738 13.22 -41.01 29.28
N GLN A 739 12.27 -40.11 29.56
CA GLN A 739 12.32 -39.11 30.63
C GLN A 739 11.70 -39.62 31.95
N SER A 740 10.51 -40.25 31.89
CA SER A 740 9.76 -40.77 33.05
C SER A 740 10.43 -41.92 33.80
N GLU A 741 11.29 -42.71 33.11
CA GLU A 741 12.00 -43.86 33.68
C GLU A 741 12.84 -43.59 34.93
N MET A 742 13.27 -42.32 35.15
CA MET A 742 14.06 -41.92 36.32
C MET A 742 13.25 -41.97 37.62
OAI 63U B . 10.29 -6.22 26.05
CAH 63U B . 10.96 -5.21 25.89
OAJ 63U B . 10.56 -4.31 25.15
CAD 63U B . 12.26 -5.13 26.61
NAC 63U B . 13.22 -6.10 26.22
CAE 63U B . 12.54 -4.22 27.72
CAG 63U B . 11.32 -3.53 28.28
CAF 63U B . 13.52 -4.53 28.74
SAA 63U B . 14.47 -6.01 28.47
CB 63U B . 14.46 -5.51 26.71
CA 63U B . 15.65 -5.72 25.85
C 63U B . 15.39 -5.65 24.52
O 63U B . 15.12 -4.64 23.87
N 63U B . 16.10 -4.42 26.18
CAO 63U B . 17.05 -4.09 27.17
OAR 63U B . 17.62 -4.93 27.83
CAP 63U B . 17.28 -2.58 27.31
NAS 63U B . 18.65 -2.28 27.42
CAQ 63U B . 16.49 -2.00 28.48
CAT 63U B . 15.70 -0.93 28.28
CAU 63U B . 14.89 -0.32 29.42
CAV 63U B . 14.96 -0.84 30.64
CAW 63U B . 15.82 -2.06 30.90
CAX 63U B . 16.54 -2.58 29.88
OBF M0E C . -6.17 34.85 -26.51
PBI M0E C . -5.71 33.58 -25.54
OBB M0E C . -5.21 34.09 -24.28
OAZ M0E C . -4.57 32.78 -26.24
OBG M0E C . -7.04 32.55 -25.25
CAX M0E C . -8.13 32.90 -24.03
OBE M0E C . -9.08 33.89 -24.48
CAQ M0E C . -9.91 33.39 -25.58
CAW M0E C . -10.76 34.47 -26.17
OBD M0E C . -11.80 34.90 -25.56
NAU M0E C . -10.35 35.06 -27.59
CAO M0E C . -10.62 32.08 -25.32
OBA M0E C . -11.52 31.67 -26.36
CAS M0E C . -11.42 32.59 -24.14
CAP M0E C . -9.72 31.15 -24.61
OBH M0E C . -10.53 29.97 -24.07
CAV M0E C . -10.41 28.78 -25.18
OBC M0E C . -11.44 28.12 -25.50
NAT M0E C . -9.09 28.48 -25.84
CAR M0E C . -8.79 31.62 -23.64
O1 M0E C . -7.67 30.41 -23.65
C1 M0E C . -7.50 30.08 -22.60
C2 M0E C . -6.84 28.67 -22.58
C3 M0E C . -6.32 28.34 -21.19
O3 M0E C . -5.49 27.18 -21.30
N2 M0E C . -7.85 27.66 -22.98
CAG M0E C . -7.68 26.77 -24.11
CAH M0E C . -8.85 25.68 -24.48
OAN M0E C . -6.62 26.81 -24.82
O5 M0E C . -6.68 31.11 -22.03
C5 M0E C . -6.25 30.77 -20.62
C6 M0E C . -5.37 31.81 -20.19
O6 M0E C . -5.87 33.17 -20.68
CBJ M0E C . -6.46 33.99 -19.62
OBS M0E C . -7.75 34.50 -20.08
CBN M0E C . -8.35 35.41 -19.11
CBO M0E C . -9.60 35.98 -19.69
OBT M0E C . -9.78 35.50 -21.05
CBM M0E C . -7.40 36.56 -18.73
OBR M0E C . -7.91 37.23 -17.77
CBL M0E C . -6.04 36.06 -18.30
OBQ M0E C . -5.18 37.17 -18.13
CBK M0E C . -5.46 35.17 -19.22
OBP M0E C . -4.25 34.59 -18.65
C4 M0E C . -5.52 29.45 -20.60
O4 M0E C . -5.21 29.17 -19.19
CBU M0E C . -3.87 29.12 -19.03
CBV M0E C . -3.48 29.42 -17.55
CBW M0E C . -2.02 29.39 -17.37
OCD M0E C . -1.69 29.59 -15.81
NCC M0E C . -4.01 30.83 -17.20
CCA M0E C . -5.45 31.00 -16.83
CCB M0E C . -5.99 32.40 -16.47
OCG M0E C . -6.21 30.01 -16.80
OCF M0E C . -3.33 27.82 -19.47
CBY M0E C . -1.89 27.73 -19.25
CBZ M0E C . -1.38 26.25 -19.60
CBX M0E C . -1.47 28.10 -17.79
OCE M0E C . 0.03 28.21 -17.71
CCH M0E C . 0.48 27.53 -16.59
OCP M0E C . 0.00 28.15 -15.44
CCI M0E C . 2.07 27.45 -16.61
OCN M0E C . 2.50 26.69 -17.78
CCJ M0E C . 2.62 26.82 -15.40
OCO M0E C . 4.09 26.98 -15.42
CCK M0E C . 2.12 27.45 -14.20
OCR M0E C . 2.66 28.75 -14.04
CCL M0E C . 0.53 27.51 -14.17
CCM M0E C . 0.06 28.20 -13.04
OCQ M0E C . -1.06 28.02 -12.66
NCS M0E C . 0.83 29.06 -12.41
#